data_4N93
#
_entry.id   4N93
#
_cell.length_a   79.572
_cell.length_b   92.161
_cell.length_c   121.424
_cell.angle_alpha   90.000
_cell.angle_beta   90.000
_cell.angle_gamma   90.000
#
_symmetry.space_group_name_H-M   'P 21 21 21'
#
loop_
_entity.id
_entity.type
_entity.pdbx_description
1 polymer 'Anthranilate phosphoribosyltransferase'
2 non-polymer 'MAGNESIUM ION'
3 non-polymer '2-amino-6-methylbenzoic acid'
4 non-polymer GLYCEROL
5 non-polymer 1-O-pyrophosphono-5-O-phosphono-alpha-D-ribofuranose
6 water water
#
_entity_poly.entity_id   1
_entity_poly.type   'polypeptide(L)'
_entity_poly.pdbx_seq_one_letter_code
;MALSAEGSSGGSRGGSPKAEAASVPSWPQILGRLTDNRDLARGQAAWAMDQIMTGNARPAQIAAFAVAMTMKAPTADEVG
ELAGVMLSHAHPLPADTVPDDAVDVVGTGGDGVNTVNLSTMAAIVVAAAGVPVVKHGNRAASSLSGGADTLEALGVRIDL
GPDLVARSLAEVGIGFCFAPRFHPSYRHAAAVRREIGVPTVFNLLGPLTNPARPRAGLIGCAFADLAEVMAGVFAARRSS
VLVVHGDDGLDELTTTTTSTIWRVAAGSVDKLTFDPAGFGFARAQLDQLAGGDAQANAAAVRAVLGGARGPVRDAVVLNA
AGAIVAHAGLSSRAEWLPAWEEGLRRASAAIDTGAAEQLLARWVRFGRQILAHHHHHH
;
_entity_poly.pdbx_strand_id   A,B
#
loop_
_chem_comp.id
_chem_comp.type
_chem_comp.name
_chem_comp.formula
6M1 non-polymer '2-amino-6-methylbenzoic acid' 'C8 H9 N O2'
GOL non-polymer GLYCEROL 'C3 H8 O3'
MG non-polymer 'MAGNESIUM ION' 'Mg 2'
PRP D-saccharide 1-O-pyrophosphono-5-O-phosphono-alpha-D-ribofuranose 'C5 H13 O14 P3'
#
# COMPACT_ATOMS: atom_id res chain seq x y z
N VAL A 24 22.61 4.72 1.04
CA VAL A 24 22.25 3.27 1.02
C VAL A 24 20.72 3.07 0.97
N PRO A 25 20.16 2.79 -0.23
CA PRO A 25 18.71 2.57 -0.39
C PRO A 25 18.25 1.18 0.02
N SER A 26 17.03 1.09 0.56
CA SER A 26 16.44 -0.19 0.85
C SER A 26 14.93 -0.06 0.84
N TRP A 27 14.25 -1.19 0.72
CA TRP A 27 12.82 -1.21 0.80
C TRP A 27 12.29 -0.58 2.10
N PRO A 28 12.87 -0.96 3.29
CA PRO A 28 12.32 -0.36 4.53
C PRO A 28 12.46 1.17 4.59
N GLN A 29 13.57 1.69 4.07
CA GLN A 29 13.83 3.12 4.03
C GLN A 29 12.84 3.82 3.10
N ILE A 30 12.70 3.32 1.89
CA ILE A 30 11.84 3.96 0.91
C ILE A 30 10.37 3.83 1.26
N LEU A 31 9.92 2.62 1.60
CA LEU A 31 8.51 2.43 2.01
C LEU A 31 8.16 3.20 3.27
N GLY A 32 9.11 3.28 4.20
CA GLY A 32 8.90 4.09 5.42
C GLY A 32 8.72 5.55 5.13
N ARG A 33 9.51 6.06 4.18
CA ARG A 33 9.40 7.47 3.79
C ARG A 33 8.01 7.73 3.15
N LEU A 34 7.59 6.86 2.26
CA LEU A 34 6.25 6.99 1.62
C LEU A 34 5.08 6.89 2.63
N THR A 35 5.14 5.94 3.57
CA THR A 35 4.07 5.80 4.58
C THR A 35 4.08 6.99 5.54
N ASP A 36 5.24 7.61 5.73
CA ASP A 36 5.32 8.86 6.47
C ASP A 36 4.83 10.03 5.62
N ASN A 37 4.38 9.76 4.39
CA ASN A 37 3.83 10.82 3.54
C ASN A 37 4.82 11.87 3.07
N ARG A 38 6.04 11.45 2.79
CA ARG A 38 7.10 12.36 2.39
C ARG A 38 7.47 12.03 0.96
N ASP A 39 7.76 13.07 0.16
CA ASP A 39 8.36 12.84 -1.16
C ASP A 39 9.69 12.16 -0.98
N LEU A 40 10.05 11.32 -1.93
CA LEU A 40 11.28 10.58 -1.91
C LEU A 40 12.48 11.50 -2.22
N ALA A 41 13.69 11.06 -1.86
CA ALA A 41 14.90 11.78 -2.24
C ALA A 41 15.18 11.41 -3.69
N ARG A 42 15.84 12.32 -4.41
CA ARG A 42 16.21 12.07 -5.81
C ARG A 42 16.96 10.74 -5.92
N GLY A 43 16.63 9.96 -6.95
CA GLY A 43 17.23 8.64 -7.13
C GLY A 43 16.57 7.42 -6.46
N GLN A 44 15.79 7.64 -5.41
CA GLN A 44 15.11 6.54 -4.69
C GLN A 44 14.03 5.86 -5.55
N ALA A 45 13.20 6.64 -6.22
CA ALA A 45 12.22 6.03 -7.14
C ALA A 45 12.93 5.23 -8.22
N ALA A 46 14.05 5.76 -8.71
CA ALA A 46 14.78 5.05 -9.76
C ALA A 46 15.38 3.72 -9.25
N TRP A 47 15.91 3.74 -8.01
CA TRP A 47 16.43 2.51 -7.41
C TRP A 47 15.32 1.47 -7.28
N ALA A 48 14.15 1.90 -6.78
CA ALA A 48 13.01 0.97 -6.63
C ALA A 48 12.63 0.40 -7.98
N MET A 49 12.44 1.27 -8.97
CA MET A 49 12.03 0.79 -10.27
C MET A 49 13.07 -0.17 -10.85
N ASP A 50 14.36 0.11 -10.65
CA ASP A 50 15.35 -0.80 -11.23
C ASP A 50 15.35 -2.20 -10.55
N GLN A 51 15.14 -2.20 -9.23
CA GLN A 51 14.95 -3.47 -8.49
C GLN A 51 13.78 -4.26 -9.14
N ILE A 52 12.65 -3.58 -9.37
CA ILE A 52 11.48 -4.20 -9.97
C ILE A 52 11.76 -4.70 -11.40
N MET A 53 12.49 -3.92 -12.17
CA MET A 53 12.72 -4.24 -13.58
C MET A 53 13.74 -5.35 -13.76
N THR A 54 14.59 -5.57 -12.76
CA THR A 54 15.59 -6.61 -12.91
C THR A 54 15.22 -7.92 -12.22
N GLY A 55 13.96 -8.03 -11.80
CA GLY A 55 13.49 -9.22 -11.05
C GLY A 55 14.01 -9.33 -9.63
N ASN A 56 14.56 -8.26 -9.07
CA ASN A 56 15.09 -8.33 -7.71
C ASN A 56 14.11 -8.01 -6.60
N ALA A 57 12.92 -7.55 -6.94
CA ALA A 57 11.94 -7.15 -5.93
C ALA A 57 10.97 -8.30 -5.72
N ARG A 58 10.67 -8.61 -4.45
CA ARG A 58 9.61 -9.56 -4.12
C ARG A 58 8.25 -8.99 -4.52
N PRO A 59 7.29 -9.85 -4.93
CA PRO A 59 5.94 -9.33 -5.20
C PRO A 59 5.35 -8.45 -4.08
N ALA A 60 5.57 -8.83 -2.82
CA ALA A 60 5.10 -7.98 -1.70
C ALA A 60 5.75 -6.59 -1.72
N GLN A 61 7.02 -6.52 -2.09
CA GLN A 61 7.72 -5.20 -2.13
C GLN A 61 7.19 -4.38 -3.30
N ILE A 62 7.02 -5.00 -4.45
CA ILE A 62 6.41 -4.30 -5.59
C ILE A 62 5.03 -3.70 -5.23
N ALA A 63 4.16 -4.53 -4.66
CA ALA A 63 2.83 -4.05 -4.30
C ALA A 63 2.90 -2.94 -3.26
N ALA A 64 3.73 -3.12 -2.23
CA ALA A 64 3.78 -2.11 -1.17
C ALA A 64 4.22 -0.75 -1.71
N PHE A 65 5.24 -0.77 -2.59
CA PHE A 65 5.74 0.46 -3.23
C PHE A 65 4.67 1.15 -4.09
N ALA A 66 3.99 0.38 -4.94
CA ALA A 66 2.98 0.95 -5.86
C ALA A 66 1.85 1.63 -5.07
N VAL A 67 1.34 0.95 -4.05
CA VAL A 67 0.28 1.47 -3.21
C VAL A 67 0.76 2.67 -2.40
N ALA A 68 1.89 2.53 -1.71
CA ALA A 68 2.41 3.65 -0.90
C ALA A 68 2.69 4.89 -1.76
N MET A 69 3.23 4.68 -2.95
CA MET A 69 3.46 5.85 -3.80
C MET A 69 2.16 6.52 -4.24
N THR A 70 1.15 5.72 -4.53
CA THR A 70 -0.16 6.20 -4.94
C THR A 70 -0.82 7.02 -3.83
N MET A 71 -0.80 6.50 -2.61
CA MET A 71 -1.43 7.18 -1.48
C MET A 71 -0.66 8.39 -0.98
N LYS A 72 0.64 8.41 -1.15
CA LYS A 72 1.42 9.62 -0.87
C LYS A 72 1.05 10.71 -1.94
N ALA A 73 0.93 10.29 -3.20
CA ALA A 73 0.64 11.18 -4.35
C ALA A 73 2.00 11.45 -4.99
N PRO A 74 2.27 10.79 -6.11
CA PRO A 74 3.60 10.88 -6.70
C PRO A 74 3.84 12.26 -7.28
N THR A 75 5.09 12.70 -7.28
CA THR A 75 5.41 13.94 -7.97
C THR A 75 5.85 13.63 -9.42
N ALA A 76 5.96 14.68 -10.23
CA ALA A 76 6.51 14.54 -11.60
C ALA A 76 7.92 13.99 -11.58
N ASP A 77 8.78 14.48 -10.67
CA ASP A 77 10.17 13.97 -10.62
C ASP A 77 10.21 12.47 -10.35
N GLU A 78 9.36 11.99 -9.43
CA GLU A 78 9.34 10.55 -9.10
C GLU A 78 8.85 9.72 -10.28
N VAL A 79 7.76 10.16 -10.90
CA VAL A 79 7.21 9.39 -12.05
C VAL A 79 8.20 9.41 -13.21
N GLY A 80 8.93 10.52 -13.37
CA GLY A 80 9.96 10.60 -14.40
C GLY A 80 11.09 9.59 -14.20
N GLU A 81 11.47 9.36 -12.94
CA GLU A 81 12.42 8.29 -12.61
C GLU A 81 11.87 6.91 -12.91
N LEU A 82 10.61 6.66 -12.54
CA LEU A 82 10.01 5.35 -12.86
C LEU A 82 9.98 5.08 -14.36
N ALA A 83 9.45 6.04 -15.12
CA ALA A 83 9.35 5.87 -16.57
C ALA A 83 10.72 5.80 -17.22
N GLY A 84 11.64 6.65 -16.78
CA GLY A 84 13.01 6.66 -17.32
C GLY A 84 13.68 5.32 -17.12
N VAL A 85 13.54 4.74 -15.94
CA VAL A 85 14.13 3.41 -15.68
C VAL A 85 13.47 2.37 -16.56
N MET A 86 12.15 2.45 -16.64
CA MET A 86 11.43 1.47 -17.43
C MET A 86 11.88 1.56 -18.92
N LEU A 87 12.00 2.77 -19.44
CA LEU A 87 12.53 2.95 -20.81
C LEU A 87 13.91 2.39 -21.02
N SER A 88 14.79 2.52 -20.02
CA SER A 88 16.15 2.02 -20.15
C SER A 88 16.15 0.50 -20.34
N HIS A 89 15.09 -0.16 -19.90
CA HIS A 89 15.02 -1.62 -20.11
C HIS A 89 14.24 -2.03 -21.38
N ALA A 90 13.62 -1.09 -22.08
CA ALA A 90 12.76 -1.46 -23.23
C ALA A 90 13.58 -1.80 -24.48
N HIS A 91 13.03 -2.64 -25.35
CA HIS A 91 13.58 -2.76 -26.69
C HIS A 91 13.37 -1.45 -27.46
N PRO A 92 14.44 -0.84 -27.98
CA PRO A 92 14.20 0.38 -28.77
C PRO A 92 13.87 0.00 -30.23
N LEU A 93 13.37 0.96 -31.01
CA LEU A 93 13.34 0.79 -32.49
C LEU A 93 14.75 1.00 -33.09
N PRO A 94 15.01 0.47 -34.31
CA PRO A 94 16.35 0.66 -34.86
C PRO A 94 16.66 2.15 -35.09
N ALA A 95 17.94 2.52 -35.00
CA ALA A 95 18.36 3.93 -35.16
C ALA A 95 17.82 4.52 -36.46
N ASP A 96 17.40 5.79 -36.41
CA ASP A 96 16.90 6.52 -37.60
C ASP A 96 15.68 5.91 -38.29
N THR A 97 14.78 5.28 -37.53
CA THR A 97 13.55 4.72 -38.13
C THR A 97 12.26 5.46 -37.69
N VAL A 98 12.36 6.30 -36.67
CA VAL A 98 11.21 7.07 -36.22
C VAL A 98 11.36 8.51 -36.69
N PRO A 99 10.39 9.03 -37.46
CA PRO A 99 10.53 10.43 -37.87
C PRO A 99 10.52 11.36 -36.67
N ASP A 100 11.23 12.47 -36.79
CA ASP A 100 11.29 13.48 -35.71
C ASP A 100 9.93 13.96 -35.23
N ASP A 101 8.91 13.84 -36.08
CA ASP A 101 7.61 14.44 -35.82
C ASP A 101 6.49 13.38 -35.66
N ALA A 102 6.87 12.15 -35.37
CA ALA A 102 5.91 11.08 -35.03
C ALA A 102 5.09 11.41 -33.78
N VAL A 103 3.83 10.97 -33.78
CA VAL A 103 2.90 11.29 -32.67
C VAL A 103 2.34 9.95 -32.10
N ASP A 104 1.94 10.00 -30.81
CA ASP A 104 1.28 8.87 -30.18
C ASP A 104 -0.12 9.36 -29.84
N VAL A 105 -1.06 8.43 -29.69
CA VAL A 105 -2.41 8.75 -29.21
C VAL A 105 -2.74 7.55 -28.31
N VAL A 106 -2.80 7.79 -27.02
CA VAL A 106 -2.95 6.69 -26.06
C VAL A 106 -3.29 7.30 -24.72
N GLY A 107 -3.97 6.51 -23.88
CA GLY A 107 -4.33 6.96 -22.55
C GLY A 107 -4.06 5.91 -21.48
N THR A 108 -4.27 6.30 -20.22
CA THR A 108 -4.10 5.38 -19.09
C THR A 108 -5.13 4.24 -19.13
N GLY A 109 -6.27 4.49 -19.76
CA GLY A 109 -7.44 3.62 -19.57
C GLY A 109 -7.93 3.78 -18.14
N GLY A 110 -8.73 2.83 -17.67
CA GLY A 110 -9.22 2.83 -16.29
C GLY A 110 -10.21 3.94 -16.01
N ASP A 111 -10.85 4.46 -17.04
CA ASP A 111 -11.88 5.49 -16.82
C ASP A 111 -13.22 4.88 -16.38
N GLY A 112 -13.34 3.55 -16.46
CA GLY A 112 -14.50 2.83 -15.94
C GLY A 112 -15.73 2.90 -16.82
N VAL A 113 -15.64 3.64 -17.94
CA VAL A 113 -16.81 3.96 -18.78
C VAL A 113 -17.03 2.99 -19.96
N ASN A 114 -16.00 2.24 -20.35
CA ASN A 114 -16.21 1.21 -21.38
C ASN A 114 -16.72 1.74 -22.76
N THR A 115 -16.05 2.75 -23.28
CA THR A 115 -16.41 3.34 -24.57
C THR A 115 -15.87 2.50 -25.76
N VAL A 116 -16.25 2.90 -26.98
CA VAL A 116 -15.54 2.42 -28.17
C VAL A 116 -14.08 2.93 -28.04
N ASN A 117 -13.20 2.41 -28.88
CA ASN A 117 -11.77 2.68 -28.80
C ASN A 117 -11.42 4.01 -29.49
N LEU A 118 -11.65 5.11 -28.80
CA LEU A 118 -11.45 6.42 -29.39
C LEU A 118 -10.00 6.71 -29.78
N SER A 119 -9.04 6.35 -28.94
CA SER A 119 -7.65 6.67 -29.25
C SER A 119 -7.21 5.92 -30.51
N THR A 120 -7.58 4.65 -30.57
CA THR A 120 -7.19 3.79 -31.70
C THR A 120 -7.76 4.26 -33.05
N MET A 121 -9.03 4.66 -33.02
CA MET A 121 -9.66 5.23 -34.20
C MET A 121 -9.01 6.57 -34.57
N ALA A 122 -8.87 7.46 -33.59
CA ALA A 122 -8.17 8.72 -33.83
C ALA A 122 -6.79 8.50 -34.47
N ALA A 123 -6.03 7.51 -33.99
CA ALA A 123 -4.67 7.28 -34.51
C ALA A 123 -4.66 6.91 -36.01
N ILE A 124 -5.60 6.06 -36.42
CA ILE A 124 -5.76 5.69 -37.82
C ILE A 124 -6.11 6.94 -38.63
N VAL A 125 -6.98 7.79 -38.10
CA VAL A 125 -7.40 9.00 -38.83
C VAL A 125 -6.20 9.97 -38.98
N VAL A 126 -5.46 10.14 -37.88
CA VAL A 126 -4.25 10.99 -37.86
C VAL A 126 -3.22 10.51 -38.90
N ALA A 127 -2.91 9.22 -38.92
CA ALA A 127 -2.00 8.67 -39.92
C ALA A 127 -2.51 8.93 -41.35
N ALA A 128 -3.82 8.78 -41.55
CA ALA A 128 -4.46 9.00 -42.85
C ALA A 128 -4.42 10.48 -43.30
N ALA A 129 -4.28 11.38 -42.33
CA ALA A 129 -4.13 12.80 -42.59
C ALA A 129 -2.66 13.17 -42.97
N GLY A 130 -1.74 12.21 -42.85
CA GLY A 130 -0.35 12.38 -43.32
C GLY A 130 0.66 12.54 -42.18
N VAL A 131 0.22 12.37 -40.94
CA VAL A 131 1.11 12.52 -39.76
C VAL A 131 1.61 11.12 -39.37
N PRO A 132 2.94 10.94 -39.19
CA PRO A 132 3.44 9.64 -38.79
C PRO A 132 2.92 9.30 -37.41
N VAL A 133 2.41 8.09 -37.24
CA VAL A 133 1.88 7.69 -35.95
C VAL A 133 2.61 6.45 -35.47
N VAL A 134 3.16 6.51 -34.26
CA VAL A 134 3.67 5.29 -33.64
C VAL A 134 2.96 5.13 -32.32
N LYS A 135 2.02 4.19 -32.33
CA LYS A 135 1.14 3.98 -31.23
C LYS A 135 1.67 2.93 -30.29
N HIS A 136 1.60 3.27 -29.02
CA HIS A 136 1.86 2.33 -27.93
C HIS A 136 0.48 1.93 -27.50
N GLY A 137 0.35 0.69 -27.04
CA GLY A 137 -0.95 0.20 -26.61
C GLY A 137 -0.87 -1.17 -25.96
N ASN A 138 -2.02 -1.64 -25.51
CA ASN A 138 -2.07 -2.91 -24.80
C ASN A 138 -3.51 -3.42 -24.86
N ARG A 139 -3.68 -4.71 -24.60
CA ARG A 139 -5.01 -5.28 -24.34
C ARG A 139 -5.82 -4.52 -23.28
N ALA A 140 -7.12 -4.80 -23.25
CA ALA A 140 -8.00 -4.31 -22.19
C ALA A 140 -7.43 -4.71 -20.82
N ALA A 141 -7.61 -3.84 -19.85
CA ALA A 141 -7.30 -4.15 -18.48
C ALA A 141 -8.59 -4.41 -17.74
N SER A 142 -9.47 -3.45 -17.69
CA SER A 142 -10.74 -3.69 -17.03
C SER A 142 -11.94 -3.37 -17.91
N SER A 143 -11.70 -2.99 -19.16
CA SER A 143 -12.73 -2.82 -20.17
C SER A 143 -12.93 -4.12 -20.97
N LEU A 144 -13.97 -4.15 -21.80
CA LEU A 144 -14.24 -5.32 -22.61
C LEU A 144 -13.35 -5.51 -23.82
N SER A 145 -12.85 -4.44 -24.38
CA SER A 145 -11.92 -4.51 -25.51
C SER A 145 -11.00 -3.27 -25.52
N GLY A 146 -9.72 -3.50 -25.33
CA GLY A 146 -8.74 -2.40 -25.40
C GLY A 146 -8.31 -2.18 -26.84
N GLY A 147 -7.51 -1.13 -27.07
CA GLY A 147 -7.04 -0.80 -28.42
C GLY A 147 -6.38 -1.96 -29.15
N ALA A 148 -5.50 -2.68 -28.47
CA ALA A 148 -4.83 -3.83 -29.09
C ALA A 148 -5.80 -4.95 -29.49
N ASP A 149 -6.81 -5.19 -28.65
CA ASP A 149 -7.84 -6.20 -28.92
C ASP A 149 -8.62 -5.86 -30.18
N THR A 150 -9.04 -4.60 -30.28
CA THR A 150 -9.81 -4.13 -31.43
C THR A 150 -8.99 -4.19 -32.71
N LEU A 151 -7.75 -3.68 -32.66
CA LEU A 151 -6.81 -3.82 -33.76
C LEU A 151 -6.68 -5.26 -34.24
N GLU A 152 -6.57 -6.17 -33.28
CA GLU A 152 -6.41 -7.57 -33.62
C GLU A 152 -7.66 -8.10 -34.36
N ALA A 153 -8.83 -7.74 -33.85
CA ALA A 153 -10.12 -8.09 -34.44
C ALA A 153 -10.33 -7.46 -35.81
N LEU A 154 -9.55 -6.42 -36.11
CA LEU A 154 -9.59 -5.75 -37.42
C LEU A 154 -8.68 -6.43 -38.42
N GLY A 155 -7.80 -7.32 -37.95
CA GLY A 155 -6.83 -7.98 -38.81
C GLY A 155 -5.47 -7.31 -38.83
N VAL A 156 -5.29 -6.28 -38.01
CA VAL A 156 -3.95 -5.67 -37.86
C VAL A 156 -3.08 -6.58 -36.97
N ARG A 157 -1.81 -6.73 -37.35
CA ARG A 157 -0.88 -7.54 -36.55
C ARG A 157 -0.36 -6.69 -35.41
N ILE A 158 -0.60 -7.11 -34.18
CA ILE A 158 -0.17 -6.30 -33.02
C ILE A 158 1.16 -6.78 -32.43
N ASP A 159 1.61 -7.95 -32.87
CA ASP A 159 2.74 -8.72 -32.31
C ASP A 159 4.12 -8.45 -32.94
N LEU A 160 4.28 -7.36 -33.68
CA LEU A 160 5.51 -7.17 -34.43
C LEU A 160 6.64 -6.62 -33.56
N GLY A 161 7.86 -7.05 -33.85
CA GLY A 161 9.06 -6.55 -33.15
C GLY A 161 9.59 -5.24 -33.73
N PRO A 162 10.67 -4.71 -33.12
CA PRO A 162 11.26 -3.43 -33.50
C PRO A 162 11.42 -3.24 -35.02
N ASP A 163 11.99 -4.21 -35.72
CA ASP A 163 12.29 -4.05 -37.16
C ASP A 163 11.01 -3.97 -37.99
N LEU A 164 10.05 -4.84 -37.72
CA LEU A 164 8.81 -4.78 -38.48
C LEU A 164 7.93 -3.59 -38.12
N VAL A 165 7.95 -3.13 -36.87
CA VAL A 165 7.25 -1.88 -36.55
C VAL A 165 7.82 -0.70 -37.35
N ALA A 166 9.15 -0.64 -37.47
CA ALA A 166 9.78 0.45 -38.22
C ALA A 166 9.40 0.36 -39.71
N ARG A 167 9.31 -0.86 -40.23
CA ARG A 167 8.84 -1.08 -41.62
C ARG A 167 7.39 -0.64 -41.80
N SER A 168 6.52 -1.03 -40.87
CA SER A 168 5.13 -0.58 -40.86
C SER A 168 5.04 0.93 -40.96
N LEU A 169 5.82 1.60 -40.11
CA LEU A 169 5.85 3.06 -40.07
C LEU A 169 6.33 3.69 -41.41
N ALA A 170 7.38 3.13 -42.00
CA ALA A 170 7.89 3.62 -43.29
C ALA A 170 6.95 3.33 -44.43
N GLU A 171 6.34 2.15 -44.45
CA GLU A 171 5.52 1.69 -45.57
C GLU A 171 4.03 2.05 -45.47
N VAL A 172 3.51 2.13 -44.24
CA VAL A 172 2.08 2.42 -44.04
C VAL A 172 1.81 3.78 -43.40
N GLY A 173 2.84 4.34 -42.76
CA GLY A 173 2.70 5.60 -42.03
C GLY A 173 2.19 5.44 -40.60
N ILE A 174 2.02 4.19 -40.16
CA ILE A 174 1.58 3.90 -38.78
C ILE A 174 2.25 2.62 -38.30
N GLY A 175 2.57 2.56 -37.02
CA GLY A 175 3.08 1.34 -36.42
C GLY A 175 2.50 1.21 -35.04
N PHE A 176 2.43 -0.02 -34.54
CA PHE A 176 1.91 -0.29 -33.22
C PHE A 176 2.90 -1.11 -32.40
N CYS A 177 3.32 -0.55 -31.25
CA CYS A 177 4.23 -1.21 -30.31
C CYS A 177 3.41 -1.81 -29.16
N PHE A 178 3.35 -3.13 -29.15
CA PHE A 178 2.56 -3.86 -28.20
C PHE A 178 3.40 -3.96 -26.94
N ALA A 179 2.92 -3.33 -25.86
CA ALA A 179 3.68 -3.21 -24.61
C ALA A 179 4.37 -4.49 -24.10
N PRO A 180 3.64 -5.61 -23.97
CA PRO A 180 4.30 -6.86 -23.53
C PRO A 180 5.48 -7.27 -24.39
N ARG A 181 5.44 -6.97 -25.69
CA ARG A 181 6.55 -7.32 -26.61
C ARG A 181 7.77 -6.39 -26.42
N PHE A 182 7.53 -5.10 -26.19
CA PHE A 182 8.65 -4.16 -26.06
C PHE A 182 9.18 -3.99 -24.62
N HIS A 183 8.41 -4.43 -23.63
CA HIS A 183 8.76 -4.28 -22.22
C HIS A 183 8.76 -5.60 -21.45
N PRO A 184 9.55 -6.58 -21.91
CA PRO A 184 9.54 -7.87 -21.20
C PRO A 184 9.93 -7.82 -19.69
N SER A 185 10.81 -6.90 -19.31
CA SER A 185 11.28 -6.85 -17.93
C SER A 185 10.26 -6.27 -16.97
N TYR A 186 9.15 -5.76 -17.51
CA TYR A 186 8.08 -5.15 -16.74
C TYR A 186 7.10 -6.23 -16.25
N ARG A 187 7.40 -7.48 -16.58
CA ARG A 187 6.46 -8.58 -16.33
C ARG A 187 6.16 -8.81 -14.84
N HIS A 188 7.12 -8.51 -13.96
CA HIS A 188 6.91 -8.67 -12.52
C HIS A 188 5.94 -7.63 -11.99
N ALA A 189 6.10 -6.38 -12.45
CA ALA A 189 5.20 -5.30 -12.12
C ALA A 189 3.79 -5.56 -12.68
N ALA A 190 3.74 -6.03 -13.94
CA ALA A 190 2.45 -6.25 -14.62
C ALA A 190 1.61 -7.29 -13.87
N ALA A 191 2.26 -8.38 -13.47
CA ALA A 191 1.63 -9.45 -12.66
C ALA A 191 1.12 -8.90 -11.32
N VAL A 192 1.93 -8.11 -10.62
CA VAL A 192 1.45 -7.49 -9.39
C VAL A 192 0.23 -6.60 -9.66
N ARG A 193 0.31 -5.78 -10.72
CA ARG A 193 -0.81 -4.90 -11.08
C ARG A 193 -2.14 -5.69 -11.20
N ARG A 194 -2.07 -6.84 -11.87
CA ARG A 194 -3.24 -7.72 -12.06
C ARG A 194 -3.74 -8.31 -10.74
N GLU A 195 -2.81 -8.82 -9.92
CA GLU A 195 -3.16 -9.45 -8.63
C GLU A 195 -3.90 -8.49 -7.70
N ILE A 196 -3.49 -7.22 -7.67
CA ILE A 196 -4.10 -6.29 -6.73
C ILE A 196 -5.31 -5.55 -7.30
N GLY A 197 -5.34 -5.37 -8.63
CA GLY A 197 -6.48 -4.76 -9.33
C GLY A 197 -6.63 -3.25 -9.18
N VAL A 198 -6.45 -2.75 -7.97
CA VAL A 198 -6.64 -1.33 -7.68
C VAL A 198 -5.68 -0.52 -8.57
N PRO A 199 -6.13 0.61 -9.14
CA PRO A 199 -5.24 1.49 -9.92
C PRO A 199 -4.16 2.12 -9.03
N THR A 200 -2.94 2.18 -9.55
CA THR A 200 -1.80 2.74 -8.82
C THR A 200 -1.02 3.67 -9.73
N VAL A 201 0.05 4.25 -9.18
CA VAL A 201 1.02 4.97 -9.98
C VAL A 201 1.48 4.19 -11.22
N PHE A 202 1.52 2.86 -11.18
CA PHE A 202 1.93 2.08 -12.36
C PHE A 202 1.04 2.30 -13.59
N ASN A 203 -0.24 2.59 -13.34
CA ASN A 203 -1.22 2.82 -14.44
C ASN A 203 -0.86 4.04 -15.32
N LEU A 204 0.01 4.92 -14.79
CA LEU A 204 0.48 6.10 -15.53
C LEU A 204 1.57 5.77 -16.52
N LEU A 205 2.21 4.61 -16.35
CA LEU A 205 3.49 4.39 -17.01
C LEU A 205 3.40 4.02 -18.50
N GLY A 206 2.34 3.33 -18.89
CA GLY A 206 2.12 2.97 -20.33
C GLY A 206 2.30 4.15 -21.29
N PRO A 207 1.48 5.18 -21.15
CA PRO A 207 1.59 6.39 -21.93
C PRO A 207 2.97 7.08 -21.89
N LEU A 208 3.70 6.93 -20.77
CA LEU A 208 5.01 7.58 -20.62
C LEU A 208 6.16 6.75 -21.14
N THR A 209 5.89 5.52 -21.56
CA THR A 209 6.97 4.60 -21.95
C THR A 209 6.87 4.03 -23.39
N ASN A 210 6.33 4.82 -24.31
CA ASN A 210 6.29 4.35 -25.68
C ASN A 210 7.74 4.09 -26.08
N PRO A 211 8.06 2.87 -26.56
CA PRO A 211 9.46 2.52 -26.78
C PRO A 211 10.06 3.17 -28.01
N ALA A 212 9.23 3.70 -28.92
CA ALA A 212 9.74 4.45 -30.07
C ALA A 212 10.04 5.91 -29.71
N ARG A 213 9.66 6.31 -28.49
CA ARG A 213 9.89 7.67 -27.97
C ARG A 213 9.47 8.85 -28.89
N PRO A 214 8.22 8.83 -29.39
CA PRO A 214 7.79 9.98 -30.20
C PRO A 214 7.73 11.26 -29.39
N ARG A 215 8.04 12.36 -30.07
CA ARG A 215 8.16 13.65 -29.42
C ARG A 215 6.83 14.37 -29.29
N ALA A 216 5.79 13.85 -29.95
CA ALA A 216 4.47 14.46 -29.81
C ALA A 216 3.42 13.47 -29.38
N GLY A 217 2.34 13.98 -28.79
CA GLY A 217 1.32 13.04 -28.35
C GLY A 217 0.02 13.68 -27.94
N LEU A 218 -1.07 12.92 -28.10
CA LEU A 218 -2.31 13.22 -27.41
C LEU A 218 -2.49 12.13 -26.33
N ILE A 219 -2.38 12.52 -25.06
CA ILE A 219 -2.22 11.53 -24.00
C ILE A 219 -3.38 11.65 -23.01
N GLY A 220 -4.21 10.61 -22.91
CA GLY A 220 -5.40 10.68 -22.04
C GLY A 220 -5.05 10.20 -20.62
N CYS A 221 -5.63 10.86 -19.62
CA CYS A 221 -5.47 10.47 -18.20
C CYS A 221 -6.84 10.37 -17.55
N ALA A 222 -7.14 9.21 -16.99
CA ALA A 222 -8.42 8.94 -16.37
C ALA A 222 -8.47 9.55 -14.97
N PHE A 223 -7.30 9.82 -14.40
CA PHE A 223 -7.21 10.27 -13.01
C PHE A 223 -6.91 11.77 -12.95
N ALA A 224 -7.96 12.54 -12.70
CA ALA A 224 -7.91 14.02 -12.68
C ALA A 224 -6.70 14.61 -11.93
N ASP A 225 -6.41 14.00 -10.79
CA ASP A 225 -5.32 14.38 -9.87
CA ASP A 225 -5.34 14.50 -9.91
C ASP A 225 -3.91 14.21 -10.45
N LEU A 226 -3.78 13.23 -11.33
CA LEU A 226 -2.48 12.79 -11.84
C LEU A 226 -2.12 13.30 -13.25
N ALA A 227 -3.09 13.89 -13.95
CA ALA A 227 -2.85 14.44 -15.28
C ALA A 227 -1.72 15.50 -15.24
N GLU A 228 -1.71 16.33 -14.22
CA GLU A 228 -0.69 17.36 -14.11
C GLU A 228 0.70 16.72 -13.95
N VAL A 229 0.73 15.61 -13.23
CA VAL A 229 1.98 14.92 -12.95
C VAL A 229 2.51 14.36 -14.27
N MET A 230 1.63 13.70 -15.03
CA MET A 230 2.01 13.23 -16.37
C MET A 230 2.48 14.38 -17.26
N ALA A 231 1.78 15.51 -17.22
CA ALA A 231 2.22 16.69 -17.97
C ALA A 231 3.63 17.13 -17.58
N GLY A 232 3.89 17.16 -16.27
CA GLY A 232 5.22 17.51 -15.79
C GLY A 232 6.32 16.60 -16.32
N VAL A 233 6.00 15.30 -16.45
CA VAL A 233 6.95 14.32 -16.96
C VAL A 233 7.26 14.62 -18.45
N PHE A 234 6.22 14.88 -19.24
CA PHE A 234 6.41 15.28 -20.65
C PHE A 234 7.17 16.60 -20.81
N ALA A 235 6.94 17.56 -19.91
CA ALA A 235 7.68 18.84 -19.87
C ALA A 235 9.19 18.69 -19.72
N ALA A 236 9.66 17.67 -19.01
CA ALA A 236 11.09 17.45 -18.86
C ALA A 236 11.71 16.70 -20.05
N ARG A 237 10.89 16.36 -21.06
CA ARG A 237 11.37 15.76 -22.30
C ARG A 237 11.26 16.77 -23.43
N ARG A 238 11.83 16.44 -24.58
CA ARG A 238 11.74 17.38 -25.69
C ARG A 238 10.40 17.17 -26.45
N SER A 239 9.27 17.58 -25.85
CA SER A 239 7.95 17.06 -26.27
C SER A 239 6.92 18.14 -26.58
N SER A 240 6.04 17.89 -27.54
CA SER A 240 4.83 18.70 -27.71
C SER A 240 3.61 17.81 -27.44
N VAL A 241 2.97 17.99 -26.29
CA VAL A 241 1.94 17.03 -25.88
C VAL A 241 0.68 17.74 -25.38
N LEU A 242 -0.49 17.16 -25.63
CA LEU A 242 -1.68 17.58 -24.91
C LEU A 242 -2.05 16.41 -24.00
N VAL A 243 -1.95 16.67 -22.69
CA VAL A 243 -2.43 15.70 -21.72
C VAL A 243 -3.89 16.07 -21.46
N VAL A 244 -4.79 15.12 -21.62
CA VAL A 244 -6.20 15.49 -21.55
C VAL A 244 -7.00 14.64 -20.56
N HIS A 245 -8.00 15.29 -19.96
CA HIS A 245 -8.95 14.63 -19.08
C HIS A 245 -10.35 15.23 -19.33
N GLY A 246 -11.28 14.41 -19.81
CA GLY A 246 -12.65 14.87 -19.96
C GLY A 246 -13.25 15.14 -18.59
N ASP A 247 -13.98 16.24 -18.46
CA ASP A 247 -14.58 16.60 -17.18
C ASP A 247 -15.73 15.64 -16.79
N ASP A 248 -15.99 14.63 -17.63
CA ASP A 248 -16.90 13.52 -17.28
C ASP A 248 -16.11 12.30 -16.86
N GLY A 249 -14.78 12.43 -16.83
CA GLY A 249 -13.93 11.32 -16.44
C GLY A 249 -13.27 10.49 -17.54
N LEU A 250 -13.59 10.74 -18.82
CA LEU A 250 -12.96 9.97 -19.90
C LEU A 250 -11.48 10.32 -20.00
N ASP A 251 -10.66 9.32 -20.32
CA ASP A 251 -9.25 9.56 -20.65
C ASP A 251 -9.08 9.94 -22.14
N GLU A 252 -9.89 10.90 -22.60
CA GLU A 252 -9.95 11.32 -24.02
C GLU A 252 -10.55 12.69 -23.97
N LEU A 253 -10.38 13.45 -25.05
CA LEU A 253 -11.19 14.64 -25.23
C LEU A 253 -12.64 14.18 -25.38
N THR A 254 -13.52 14.72 -24.55
CA THR A 254 -14.92 14.27 -24.56
C THR A 254 -15.80 15.21 -25.36
N THR A 255 -16.93 14.68 -25.81
CA THR A 255 -17.97 15.49 -26.44
C THR A 255 -19.20 15.76 -25.53
N THR A 256 -19.22 15.18 -24.32
CA THR A 256 -20.37 15.34 -23.42
C THR A 256 -20.31 16.59 -22.55
N THR A 257 -19.17 17.25 -22.52
CA THR A 257 -18.92 18.42 -21.70
C THR A 257 -17.52 19.00 -22.01
N THR A 258 -17.03 19.87 -21.16
CA THR A 258 -15.68 20.37 -21.28
C THR A 258 -14.63 19.29 -20.96
N SER A 259 -13.37 19.66 -21.24
CA SER A 259 -12.22 18.83 -20.94
C SER A 259 -11.13 19.73 -20.35
N THR A 260 -10.29 19.16 -19.48
CA THR A 260 -9.13 19.90 -19.05
C THR A 260 -7.95 19.48 -19.91
N ILE A 261 -7.19 20.45 -20.41
CA ILE A 261 -6.01 20.13 -21.21
C ILE A 261 -4.78 20.77 -20.58
N TRP A 262 -3.75 19.97 -20.37
CA TRP A 262 -2.43 20.47 -20.00
C TRP A 262 -1.58 20.43 -21.27
N ARG A 263 -1.34 21.60 -21.85
CA ARG A 263 -0.57 21.71 -23.06
C ARG A 263 0.88 21.79 -22.64
N VAL A 264 1.70 20.85 -23.16
CA VAL A 264 3.13 20.80 -22.87
C VAL A 264 3.93 21.15 -24.12
N ALA A 265 4.84 22.12 -23.99
CA ALA A 265 5.81 22.45 -25.04
C ALA A 265 6.96 23.27 -24.47
N ALA A 266 8.14 23.11 -25.06
CA ALA A 266 9.32 23.90 -24.71
C ALA A 266 9.65 23.80 -23.23
N GLY A 267 9.37 22.65 -22.61
CA GLY A 267 9.68 22.49 -21.20
C GLY A 267 8.68 23.13 -20.24
N SER A 268 7.56 23.62 -20.76
CA SER A 268 6.54 24.16 -19.85
C SER A 268 5.10 23.72 -20.14
N VAL A 269 4.20 24.07 -19.21
CA VAL A 269 2.84 23.57 -19.17
C VAL A 269 1.86 24.75 -19.18
N ASP A 270 0.79 24.65 -19.96
CA ASP A 270 -0.26 25.67 -20.04
C ASP A 270 -1.57 24.93 -19.84
N LYS A 271 -2.13 25.02 -18.64
CA LYS A 271 -3.37 24.31 -18.31
C LYS A 271 -4.57 25.15 -18.77
N LEU A 272 -5.56 24.53 -19.38
CA LEU A 272 -6.71 25.29 -19.86
C LEU A 272 -7.99 24.46 -19.88
N THR A 273 -9.13 25.12 -19.87
CA THR A 273 -10.43 24.48 -20.02
C THR A 273 -10.79 24.58 -21.49
N PHE A 274 -11.16 23.45 -22.08
CA PHE A 274 -11.42 23.30 -23.52
C PHE A 274 -12.89 22.95 -23.69
N ASP A 275 -13.56 23.65 -24.61
CA ASP A 275 -14.95 23.38 -24.87
C ASP A 275 -15.19 23.21 -26.36
N PRO A 276 -15.59 22.01 -26.77
CA PRO A 276 -15.77 21.70 -28.20
C PRO A 276 -16.99 22.38 -28.85
N ALA A 277 -17.91 22.93 -28.03
CA ALA A 277 -19.05 23.69 -28.55
C ALA A 277 -18.55 24.95 -29.24
N GLY A 278 -17.36 25.42 -28.86
CA GLY A 278 -16.71 26.53 -29.57
C GLY A 278 -16.38 26.18 -31.02
N PHE A 279 -16.36 24.90 -31.36
CA PHE A 279 -16.10 24.47 -32.74
C PHE A 279 -17.36 23.89 -33.37
N GLY A 280 -18.48 24.12 -32.69
CA GLY A 280 -19.79 23.70 -33.21
C GLY A 280 -20.17 22.27 -32.94
N PHE A 281 -19.49 21.59 -32.02
CA PHE A 281 -19.89 20.21 -31.69
C PHE A 281 -21.13 20.21 -30.77
N ALA A 282 -22.13 19.39 -31.08
CA ALA A 282 -23.27 19.24 -30.18
C ALA A 282 -22.81 18.41 -28.99
N ARG A 283 -23.42 18.66 -27.83
CA ARG A 283 -23.17 17.83 -26.65
C ARG A 283 -23.70 16.42 -26.87
N ALA A 284 -22.90 15.41 -26.56
CA ALA A 284 -23.35 14.01 -26.59
C ALA A 284 -23.66 13.51 -25.18
N GLN A 285 -24.20 12.29 -25.09
CA GLN A 285 -24.37 11.59 -23.82
C GLN A 285 -23.39 10.42 -23.83
N LEU A 286 -22.83 10.10 -22.66
CA LEU A 286 -21.86 9.00 -22.55
C LEU A 286 -22.32 7.69 -23.14
N ASP A 287 -23.58 7.34 -22.92
CA ASP A 287 -24.15 6.11 -23.49
C ASP A 287 -24.03 6.05 -25.01
N GLN A 288 -23.95 7.20 -25.68
CA GLN A 288 -23.86 7.20 -27.14
C GLN A 288 -22.45 6.82 -27.63
N LEU A 289 -21.50 6.87 -26.70
CA LEU A 289 -20.11 6.46 -26.95
C LEU A 289 -19.79 5.06 -26.41
N ALA A 290 -20.83 4.32 -26.00
CA ALA A 290 -20.67 3.00 -25.36
C ALA A 290 -20.13 1.92 -26.29
N GLY A 291 -19.20 1.11 -25.78
CA GLY A 291 -18.63 0.03 -26.59
C GLY A 291 -19.06 -1.36 -26.16
N GLY A 292 -18.45 -2.38 -26.73
CA GLY A 292 -18.74 -3.76 -26.41
C GLY A 292 -17.48 -4.58 -26.58
N ASP A 293 -17.63 -5.80 -27.08
CA ASP A 293 -16.49 -6.70 -27.22
C ASP A 293 -15.60 -6.34 -28.43
N ALA A 294 -14.52 -7.09 -28.62
CA ALA A 294 -13.60 -6.81 -29.72
C ALA A 294 -14.33 -6.72 -31.07
N GLN A 295 -15.19 -7.71 -31.38
CA GLN A 295 -15.92 -7.73 -32.66
C GLN A 295 -16.86 -6.54 -32.80
N ALA A 296 -17.52 -6.15 -31.71
CA ALA A 296 -18.40 -4.98 -31.73
C ALA A 296 -17.61 -3.66 -31.86
N ASN A 297 -16.48 -3.58 -31.17
CA ASN A 297 -15.65 -2.36 -31.27
C ASN A 297 -14.95 -2.26 -32.63
N ALA A 298 -14.62 -3.39 -33.24
CA ALA A 298 -14.12 -3.46 -34.61
C ALA A 298 -15.20 -2.99 -35.62
N ALA A 299 -16.45 -3.40 -35.40
CA ALA A 299 -17.56 -2.93 -36.24
C ALA A 299 -17.74 -1.42 -36.13
N ALA A 300 -17.60 -0.88 -34.92
CA ALA A 300 -17.69 0.55 -34.74
C ALA A 300 -16.55 1.29 -35.51
N VAL A 301 -15.35 0.70 -35.58
CA VAL A 301 -14.26 1.32 -36.32
C VAL A 301 -14.65 1.39 -37.83
N ARG A 302 -15.07 0.25 -38.38
CA ARG A 302 -15.42 0.16 -39.80
CA ARG A 302 -15.40 0.19 -39.80
C ARG A 302 -16.54 1.13 -40.17
N ALA A 303 -17.52 1.29 -39.28
CA ALA A 303 -18.61 2.25 -39.47
C ALA A 303 -18.12 3.70 -39.56
N VAL A 304 -17.30 4.11 -38.59
CA VAL A 304 -16.74 5.47 -38.60
C VAL A 304 -15.89 5.71 -39.84
N LEU A 305 -15.05 4.75 -40.19
CA LEU A 305 -14.13 4.97 -41.30
C LEU A 305 -14.84 4.94 -42.66
N GLY A 306 -16.00 4.26 -42.69
CA GLY A 306 -16.86 4.24 -43.88
C GLY A 306 -17.73 5.49 -44.01
N GLY A 307 -17.61 6.43 -43.09
CA GLY A 307 -18.32 7.69 -43.22
C GLY A 307 -19.58 7.86 -42.38
N ALA A 308 -19.97 6.87 -41.57
CA ALA A 308 -21.20 7.04 -40.73
C ALA A 308 -21.13 8.29 -39.85
N ARG A 309 -22.21 9.06 -39.80
CA ARG A 309 -22.23 10.31 -39.00
C ARG A 309 -22.82 10.06 -37.63
N GLY A 310 -22.51 10.94 -36.68
CA GLY A 310 -23.01 10.77 -35.33
C GLY A 310 -21.98 10.97 -34.24
N PRO A 311 -22.35 10.66 -32.99
CA PRO A 311 -21.53 11.02 -31.83
C PRO A 311 -20.15 10.36 -31.81
N VAL A 312 -20.05 9.11 -32.26
CA VAL A 312 -18.79 8.40 -32.30
C VAL A 312 -17.80 9.06 -33.28
N ARG A 313 -18.24 9.31 -34.52
CA ARG A 313 -17.41 10.06 -35.47
C ARG A 313 -16.94 11.39 -34.87
N ASP A 314 -17.87 12.14 -34.28
CA ASP A 314 -17.55 13.43 -33.71
C ASP A 314 -16.41 13.35 -32.68
N ALA A 315 -16.48 12.36 -31.80
CA ALA A 315 -15.45 12.19 -30.78
C ALA A 315 -14.12 11.73 -31.40
N VAL A 316 -14.19 10.93 -32.46
CA VAL A 316 -13.00 10.47 -33.18
C VAL A 316 -12.31 11.67 -33.82
N VAL A 317 -13.10 12.52 -34.50
CA VAL A 317 -12.61 13.71 -35.19
C VAL A 317 -11.98 14.67 -34.19
N LEU A 318 -12.65 14.88 -33.06
CA LEU A 318 -12.13 15.78 -32.01
C LEU A 318 -10.76 15.33 -31.50
N ASN A 319 -10.61 14.04 -31.18
CA ASN A 319 -9.34 13.51 -30.68
C ASN A 319 -8.25 13.43 -31.76
N ALA A 320 -8.65 13.12 -33.00
CA ALA A 320 -7.70 13.14 -34.12
C ALA A 320 -7.14 14.55 -34.31
N ALA A 321 -8.01 15.56 -34.21
CA ALA A 321 -7.56 16.94 -34.34
C ALA A 321 -6.60 17.32 -33.21
N GLY A 322 -6.94 16.92 -31.98
CA GLY A 322 -6.04 17.13 -30.81
C GLY A 322 -4.62 16.62 -31.06
N ALA A 323 -4.53 15.44 -31.64
CA ALA A 323 -3.22 14.85 -31.94
C ALA A 323 -2.48 15.63 -33.03
N ILE A 324 -3.25 16.10 -34.01
CA ILE A 324 -2.71 16.91 -35.08
C ILE A 324 -2.25 18.26 -34.51
N VAL A 325 -2.99 18.79 -33.54
CA VAL A 325 -2.53 20.01 -32.84
C VAL A 325 -1.19 19.77 -32.07
N ALA A 326 -1.08 18.62 -31.40
CA ALA A 326 0.18 18.30 -30.70
C ALA A 326 1.36 18.20 -31.69
N HIS A 327 1.13 17.51 -32.82
CA HIS A 327 2.11 17.39 -33.89
C HIS A 327 2.55 18.76 -34.39
N ALA A 328 1.59 19.67 -34.59
CA ALA A 328 1.88 21.05 -35.05
C ALA A 328 2.79 21.81 -34.07
N GLY A 329 2.62 21.54 -32.78
CA GLY A 329 3.46 22.12 -31.73
C GLY A 329 4.95 21.82 -31.87
N LEU A 330 5.34 20.86 -32.71
CA LEU A 330 6.76 20.55 -32.89
C LEU A 330 7.46 21.60 -33.78
N SER A 331 6.97 21.76 -35.01
CA SER A 331 7.38 22.86 -35.90
C SER A 331 6.34 23.95 -35.79
N SER A 332 6.37 24.69 -34.68
CA SER A 332 5.25 25.57 -34.32
C SER A 332 5.11 26.77 -35.25
N ALA A 334 2.14 27.58 -35.86
CA ALA A 334 0.73 27.99 -35.78
C ALA A 334 0.28 28.22 -34.34
N GLU A 335 -0.64 29.17 -34.18
CA GLU A 335 -1.23 29.41 -32.87
C GLU A 335 -2.36 28.41 -32.56
N TRP A 336 -2.76 28.33 -31.27
CA TRP A 336 -3.75 27.37 -30.75
C TRP A 336 -5.04 27.24 -31.55
N LEU A 337 -5.79 28.33 -31.70
CA LEU A 337 -7.08 28.29 -32.41
C LEU A 337 -6.97 27.90 -33.88
N PRO A 338 -6.14 28.61 -34.67
CA PRO A 338 -5.93 28.18 -36.07
C PRO A 338 -5.45 26.72 -36.18
N ALA A 339 -4.60 26.26 -35.25
CA ALA A 339 -4.13 24.85 -35.29
C ALA A 339 -5.30 23.86 -35.13
N TRP A 340 -6.22 24.17 -34.23
CA TRP A 340 -7.40 23.35 -34.01
C TRP A 340 -8.31 23.30 -35.23
N GLU A 341 -8.48 24.47 -35.85
CA GLU A 341 -9.36 24.57 -37.00
C GLU A 341 -8.79 23.74 -38.15
N GLU A 342 -7.51 23.82 -38.37
CA GLU A 342 -6.85 23.03 -39.36
C GLU A 342 -6.82 21.51 -39.03
N GLY A 343 -6.61 21.19 -37.76
CA GLY A 343 -6.63 19.78 -37.32
C GLY A 343 -8.01 19.14 -37.52
N LEU A 344 -9.08 19.87 -37.19
CA LEU A 344 -10.45 19.40 -37.42
C LEU A 344 -10.76 19.23 -38.94
N ARG A 345 -10.31 20.14 -39.77
CA ARG A 345 -10.43 20.04 -41.20
C ARG A 345 -9.70 18.80 -41.70
N ARG A 346 -8.47 18.62 -41.29
CA ARG A 346 -7.68 17.49 -41.80
C ARG A 346 -8.25 16.14 -41.33
N ALA A 347 -8.72 16.09 -40.09
CA ALA A 347 -9.26 14.86 -39.54
C ALA A 347 -10.59 14.51 -40.26
N SER A 348 -11.48 15.48 -40.40
CA SER A 348 -12.73 15.24 -41.15
C SER A 348 -12.44 14.78 -42.59
N ALA A 349 -11.51 15.45 -43.26
CA ALA A 349 -11.17 15.09 -44.64
C ALA A 349 -10.55 13.71 -44.74
N ALA A 350 -9.72 13.31 -43.78
CA ALA A 350 -9.17 11.98 -43.82
C ALA A 350 -10.25 10.91 -43.82
N ILE A 351 -11.33 11.17 -43.09
CA ILE A 351 -12.48 10.25 -43.13
C ILE A 351 -13.26 10.35 -44.45
N ASP A 352 -13.67 11.57 -44.79
CA ASP A 352 -14.61 11.79 -45.91
C ASP A 352 -14.05 11.40 -47.29
N THR A 353 -12.74 11.49 -47.47
CA THR A 353 -12.11 11.11 -48.74
C THR A 353 -11.76 9.64 -48.81
N GLY A 354 -12.08 8.89 -47.74
CA GLY A 354 -11.80 7.47 -47.75
C GLY A 354 -10.36 7.18 -47.36
N ALA A 355 -9.57 8.21 -47.12
CA ALA A 355 -8.14 7.98 -46.81
C ALA A 355 -7.92 7.08 -45.58
N ALA A 356 -8.75 7.25 -44.55
CA ALA A 356 -8.60 6.50 -43.27
C ALA A 356 -8.98 5.04 -43.51
N GLU A 357 -10.13 4.85 -44.16
CA GLU A 357 -10.54 3.51 -44.57
C GLU A 357 -9.48 2.82 -45.43
N GLN A 358 -8.94 3.56 -46.41
CA GLN A 358 -7.89 3.01 -47.25
C GLN A 358 -6.60 2.68 -46.48
N LEU A 359 -6.24 3.54 -45.51
CA LEU A 359 -4.99 3.30 -44.76
C LEU A 359 -5.10 2.02 -43.90
N LEU A 360 -6.23 1.83 -43.23
CA LEU A 360 -6.49 0.61 -42.47
C LEU A 360 -6.37 -0.64 -43.34
N ALA A 361 -7.01 -0.61 -44.52
CA ALA A 361 -6.87 -1.70 -45.51
C ALA A 361 -5.41 -1.94 -45.84
N ARG A 362 -4.67 -0.85 -46.10
CA ARG A 362 -3.23 -0.93 -46.37
C ARG A 362 -2.45 -1.54 -45.19
N TRP A 363 -2.83 -1.20 -43.98
CA TRP A 363 -2.16 -1.70 -42.77
C TRP A 363 -2.41 -3.20 -42.55
N VAL A 364 -3.65 -3.60 -42.74
CA VAL A 364 -4.04 -5.01 -42.74
C VAL A 364 -3.26 -5.78 -43.83
N ARG A 365 -3.24 -5.23 -45.05
CA ARG A 365 -2.46 -5.85 -46.14
C ARG A 365 -0.99 -6.03 -45.71
N PHE A 366 -0.41 -4.97 -45.18
CA PHE A 366 1.01 -5.02 -44.81
C PHE A 366 1.30 -6.22 -43.88
N GLY A 367 0.44 -6.42 -42.88
CA GLY A 367 0.60 -7.50 -41.90
C GLY A 367 0.47 -8.88 -42.52
N ARG A 368 -0.43 -9.02 -43.49
CA ARG A 368 -0.66 -10.28 -44.22
C ARG A 368 0.51 -10.68 -45.12
N GLN A 369 1.29 -9.70 -45.56
CA GLN A 369 2.44 -9.96 -46.42
C GLN A 369 3.70 -10.25 -45.60
N ILE A 370 3.49 -10.70 -44.36
CA ILE A 370 4.60 -11.02 -43.48
C ILE A 370 5.31 -9.77 -43.00
N VAL B 24 -20.31 -7.82 -3.98
CA VAL B 24 -19.63 -8.64 -2.93
C VAL B 24 -18.10 -8.39 -2.92
N PRO B 25 -17.39 -8.94 -1.92
CA PRO B 25 -16.07 -8.37 -1.63
C PRO B 25 -14.97 -8.88 -2.54
N SER B 26 -14.04 -7.99 -2.88
CA SER B 26 -12.88 -8.39 -3.64
C SER B 26 -11.74 -7.46 -3.28
N TRP B 27 -10.52 -7.85 -3.67
CA TRP B 27 -9.38 -6.95 -3.51
C TRP B 27 -9.55 -5.59 -4.20
N PRO B 28 -9.93 -5.58 -5.50
CA PRO B 28 -10.09 -4.28 -6.15
C PRO B 28 -11.05 -3.35 -5.44
N GLN B 29 -12.18 -3.89 -4.95
CA GLN B 29 -13.13 -3.08 -4.20
C GLN B 29 -12.55 -2.54 -2.88
N ILE B 30 -11.96 -3.43 -2.11
CA ILE B 30 -11.47 -3.10 -0.76
C ILE B 30 -10.22 -2.20 -0.87
N LEU B 31 -9.27 -2.55 -1.72
CA LEU B 31 -8.08 -1.70 -1.90
C LEU B 31 -8.42 -0.33 -2.50
N GLY B 32 -9.40 -0.33 -3.41
CA GLY B 32 -9.84 0.94 -4.03
C GLY B 32 -10.47 1.87 -3.02
N ARG B 33 -11.25 1.30 -2.10
CA ARG B 33 -11.85 2.10 -1.03
C ARG B 33 -10.78 2.73 -0.12
N LEU B 34 -9.78 1.95 0.24
CA LEU B 34 -8.70 2.48 1.10
C LEU B 34 -7.85 3.52 0.37
N THR B 35 -7.49 3.27 -0.90
CA THR B 35 -6.69 4.28 -1.65
C THR B 35 -7.44 5.60 -1.84
N ASP B 36 -8.77 5.51 -1.85
CA ASP B 36 -9.65 6.69 -1.87
C ASP B 36 -9.76 7.30 -0.48
N ASN B 37 -9.03 6.74 0.48
CA ASN B 37 -8.98 7.29 1.84
C ASN B 37 -10.35 7.20 2.55
N ARG B 38 -11.08 6.13 2.28
CA ARG B 38 -12.35 5.89 2.96
C ARG B 38 -12.22 4.72 3.95
N ASP B 39 -12.93 4.82 5.07
CA ASP B 39 -13.12 3.68 5.96
C ASP B 39 -13.81 2.57 5.22
N LEU B 40 -13.52 1.33 5.60
CA LEU B 40 -14.16 0.19 4.95
C LEU B 40 -15.59 0.05 5.41
N ALA B 41 -16.38 -0.69 4.65
CA ALA B 41 -17.71 -1.11 5.10
C ALA B 41 -17.52 -2.25 6.09
N ARG B 42 -18.44 -2.34 7.05
CA ARG B 42 -18.35 -3.44 8.00
CA ARG B 42 -18.50 -3.47 8.00
C ARG B 42 -18.26 -4.76 7.26
N GLY B 43 -17.38 -5.64 7.78
CA GLY B 43 -17.17 -6.94 7.18
C GLY B 43 -16.04 -7.01 6.13
N GLN B 44 -15.65 -5.87 5.56
CA GLN B 44 -14.60 -5.92 4.52
C GLN B 44 -13.22 -6.33 5.09
N ALA B 45 -12.85 -5.76 6.23
CA ALA B 45 -11.57 -6.14 6.88
C ALA B 45 -11.62 -7.59 7.29
N ALA B 46 -12.78 -8.05 7.79
CA ALA B 46 -12.95 -9.47 8.10
C ALA B 46 -12.74 -10.36 6.87
N TRP B 47 -13.30 -9.97 5.71
CA TRP B 47 -13.07 -10.76 4.49
C TRP B 47 -11.57 -10.80 4.14
N ALA B 48 -10.90 -9.67 4.19
CA ALA B 48 -9.50 -9.61 3.82
C ALA B 48 -8.73 -10.52 4.76
N MET B 49 -9.05 -10.46 6.06
CA MET B 49 -8.33 -11.29 7.00
C MET B 49 -8.61 -12.76 6.79
N ASP B 50 -9.84 -13.18 6.42
CA ASP B 50 -9.98 -14.62 6.21
CA ASP B 50 -10.16 -14.59 6.09
C ASP B 50 -9.25 -15.10 4.96
N GLN B 51 -9.14 -14.27 3.92
CA GLN B 51 -8.31 -14.62 2.75
C GLN B 51 -6.85 -14.82 3.22
N ILE B 52 -6.36 -13.90 4.05
CA ILE B 52 -4.99 -13.96 4.52
C ILE B 52 -4.72 -15.21 5.37
N MET B 53 -5.66 -15.55 6.26
CA MET B 53 -5.46 -16.64 7.20
C MET B 53 -5.68 -18.01 6.57
N THR B 54 -6.45 -18.08 5.47
CA THR B 54 -6.64 -19.35 4.76
C THR B 54 -5.56 -19.67 3.72
N GLY B 55 -4.58 -18.80 3.56
CA GLY B 55 -3.59 -19.00 2.52
C GLY B 55 -4.11 -18.67 1.11
N ASN B 56 -5.22 -17.96 1.01
CA ASN B 56 -5.77 -17.58 -0.30
C ASN B 56 -5.38 -16.18 -0.77
N ALA B 57 -4.73 -15.39 0.07
CA ALA B 57 -4.26 -14.08 -0.38
C ALA B 57 -2.84 -14.20 -0.95
N ARG B 58 -2.62 -13.67 -2.14
CA ARG B 58 -1.27 -13.59 -2.73
C ARG B 58 -0.44 -12.63 -1.89
N PRO B 59 0.88 -12.85 -1.82
CA PRO B 59 1.69 -11.90 -1.07
C PRO B 59 1.47 -10.45 -1.51
N ALA B 60 1.30 -10.20 -2.82
CA ALA B 60 1.06 -8.82 -3.30
C ALA B 60 -0.24 -8.23 -2.74
N GLN B 61 -1.26 -9.08 -2.63
CA GLN B 61 -2.52 -8.66 -2.03
C GLN B 61 -2.37 -8.37 -0.52
N ILE B 62 -1.68 -9.24 0.20
CA ILE B 62 -1.43 -9.02 1.65
C ILE B 62 -0.72 -7.68 1.86
N ALA B 63 0.33 -7.44 1.08
CA ALA B 63 1.11 -6.23 1.23
C ALA B 63 0.33 -4.97 0.84
N ALA B 64 -0.42 -5.04 -0.26
CA ALA B 64 -1.23 -3.88 -0.64
C ALA B 64 -2.19 -3.51 0.48
N PHE B 65 -2.85 -4.51 1.04
CA PHE B 65 -3.83 -4.34 2.10
C PHE B 65 -3.17 -3.73 3.35
N ALA B 66 -2.06 -4.32 3.79
CA ALA B 66 -1.39 -3.83 5.01
C ALA B 66 -1.02 -2.36 4.85
N VAL B 67 -0.38 -2.04 3.74
CA VAL B 67 0.02 -0.67 3.46
C VAL B 67 -1.18 0.28 3.34
N ALA B 68 -2.17 -0.09 2.52
CA ALA B 68 -3.31 0.82 2.27
C ALA B 68 -4.08 1.13 3.56
N MET B 69 -4.26 0.10 4.36
CA MET B 69 -4.90 0.22 5.68
C MET B 69 -4.11 1.19 6.57
N THR B 70 -2.78 1.06 6.54
CA THR B 70 -1.92 1.91 7.35
C THR B 70 -2.00 3.40 6.97
N MET B 71 -1.87 3.69 5.68
CA MET B 71 -1.90 5.07 5.20
C MET B 71 -3.28 5.70 5.23
N LYS B 72 -4.32 4.89 5.15
CA LYS B 72 -5.68 5.42 5.35
C LYS B 72 -5.86 5.75 6.84
N ALA B 73 -5.36 4.88 7.72
CA ALA B 73 -5.48 5.05 9.18
C ALA B 73 -6.67 4.19 9.64
N PRO B 74 -6.36 3.02 10.18
CA PRO B 74 -7.34 2.00 10.56
C PRO B 74 -8.26 2.52 11.68
N THR B 75 -9.50 2.08 11.71
CA THR B 75 -10.43 2.39 12.79
C THR B 75 -10.47 1.19 13.77
N ALA B 76 -10.94 1.41 15.00
CA ALA B 76 -11.08 0.33 15.98
C ALA B 76 -11.94 -0.81 15.43
N ASP B 77 -13.02 -0.46 14.76
CA ASP B 77 -13.87 -1.49 14.15
C ASP B 77 -13.13 -2.34 13.14
N GLU B 78 -12.31 -1.72 12.29
CA GLU B 78 -11.59 -2.49 11.27
C GLU B 78 -10.57 -3.41 11.93
N VAL B 79 -9.84 -2.87 12.89
CA VAL B 79 -8.81 -3.67 13.58
C VAL B 79 -9.44 -4.80 14.38
N GLY B 80 -10.63 -4.55 14.93
CA GLY B 80 -11.37 -5.59 15.66
C GLY B 80 -11.75 -6.74 14.77
N GLU B 81 -12.06 -6.45 13.51
CA GLU B 81 -12.39 -7.52 12.57
C GLU B 81 -11.16 -8.35 12.24
N LEU B 82 -10.03 -7.68 12.00
CA LEU B 82 -8.77 -8.37 11.76
C LEU B 82 -8.43 -9.28 12.95
N ALA B 83 -8.42 -8.73 14.16
CA ALA B 83 -8.03 -9.52 15.34
C ALA B 83 -9.02 -10.67 15.63
N GLY B 84 -10.32 -10.40 15.48
CA GLY B 84 -11.33 -11.46 15.73
C GLY B 84 -11.23 -12.63 14.77
N VAL B 85 -11.04 -12.31 13.49
CA VAL B 85 -10.76 -13.40 12.53
C VAL B 85 -9.46 -14.16 12.86
N MET B 86 -8.39 -13.43 13.16
CA MET B 86 -7.13 -14.09 13.51
C MET B 86 -7.28 -15.06 14.70
N LEU B 87 -7.93 -14.55 15.76
CA LEU B 87 -8.20 -15.36 16.98
C LEU B 87 -9.01 -16.61 16.67
N SER B 88 -9.96 -16.49 15.74
CA SER B 88 -10.78 -17.66 15.33
C SER B 88 -9.89 -18.76 14.77
N HIS B 89 -8.74 -18.41 14.18
CA HIS B 89 -7.81 -19.43 13.67
C HIS B 89 -6.72 -19.88 14.67
N ALA B 90 -6.65 -19.24 15.84
CA ALA B 90 -5.59 -19.54 16.81
C ALA B 90 -5.91 -20.81 17.62
N HIS B 91 -4.90 -21.55 18.08
CA HIS B 91 -5.11 -22.62 19.08
C HIS B 91 -5.55 -22.00 20.40
N PRO B 92 -6.67 -22.44 20.97
CA PRO B 92 -7.00 -21.95 22.30
C PRO B 92 -6.35 -22.77 23.44
N LEU B 93 -6.37 -22.21 24.64
CA LEU B 93 -6.01 -22.98 25.83
C LEU B 93 -7.19 -23.90 26.17
N PRO B 94 -6.92 -25.05 26.81
CA PRO B 94 -8.03 -25.98 27.13
C PRO B 94 -9.07 -25.24 27.97
N ALA B 95 -10.33 -25.67 27.92
CA ALA B 95 -11.40 -24.98 28.67
C ALA B 95 -11.15 -24.94 30.18
N ASP B 96 -11.60 -23.85 30.83
CA ASP B 96 -11.45 -23.63 32.29
C ASP B 96 -10.02 -23.64 32.82
N THR B 97 -9.05 -23.14 32.05
CA THR B 97 -7.65 -23.14 32.52
C THR B 97 -6.99 -21.77 32.66
N VAL B 98 -7.70 -20.72 32.25
CA VAL B 98 -7.18 -19.36 32.35
C VAL B 98 -8.02 -18.70 33.41
N PRO B 99 -7.38 -18.20 34.50
CA PRO B 99 -8.18 -17.54 35.52
C PRO B 99 -8.98 -16.40 34.93
N ASP B 100 -10.15 -16.17 35.49
CA ASP B 100 -11.02 -15.08 35.09
C ASP B 100 -10.33 -13.70 35.11
N ASP B 101 -9.30 -13.59 35.97
CA ASP B 101 -8.62 -12.33 36.23
C ASP B 101 -7.15 -12.33 35.74
N ALA B 102 -6.83 -13.09 34.70
CA ALA B 102 -5.47 -13.10 34.13
C ALA B 102 -5.17 -11.78 33.40
N VAL B 103 -3.90 -11.43 33.35
CA VAL B 103 -3.48 -10.16 32.77
C VAL B 103 -2.36 -10.42 31.76
N ASP B 104 -2.24 -9.56 30.75
CA ASP B 104 -1.11 -9.65 29.81
C ASP B 104 -0.23 -8.42 30.07
N VAL B 105 1.05 -8.51 29.72
CA VAL B 105 1.95 -7.36 29.77
C VAL B 105 2.83 -7.44 28.51
N VAL B 106 2.59 -6.54 27.58
CA VAL B 106 3.14 -6.73 26.22
C VAL B 106 2.96 -5.47 25.41
N GLY B 107 3.86 -5.23 24.46
CA GLY B 107 3.68 -4.11 23.54
C GLY B 107 3.89 -4.50 22.09
N THR B 108 3.62 -3.56 21.20
CA THR B 108 3.83 -3.74 19.76
C THR B 108 5.30 -3.96 19.47
N GLY B 109 6.18 -3.45 20.35
CA GLY B 109 7.59 -3.35 20.00
C GLY B 109 7.74 -2.29 18.91
N GLY B 110 8.92 -2.23 18.29
CA GLY B 110 9.16 -1.30 17.18
C GLY B 110 9.44 0.13 17.60
N ASP B 111 9.75 0.35 18.88
CA ASP B 111 10.08 1.70 19.34
C ASP B 111 11.48 2.15 18.90
N GLY B 112 12.26 1.22 18.33
CA GLY B 112 13.59 1.50 17.78
C GLY B 112 14.62 1.92 18.81
N VAL B 113 14.29 1.75 20.08
CA VAL B 113 15.20 2.05 21.17
C VAL B 113 15.72 0.71 21.67
N ASN B 114 16.98 0.63 22.05
CA ASN B 114 17.44 -0.64 22.55
C ASN B 114 17.31 -0.64 24.07
N THR B 115 16.24 -1.26 24.57
CA THR B 115 16.07 -1.36 26.02
C THR B 115 16.15 -2.79 26.52
N VAL B 116 16.44 -2.94 27.80
CA VAL B 116 16.20 -4.18 28.50
C VAL B 116 14.71 -4.59 28.31
N ASN B 117 14.41 -5.85 28.57
CA ASN B 117 13.07 -6.39 28.37
C ASN B 117 12.11 -6.02 29.50
N LEU B 118 11.61 -4.80 29.41
CA LEU B 118 10.80 -4.23 30.47
C LEU B 118 9.48 -4.97 30.70
N SER B 119 8.77 -5.32 29.61
CA SER B 119 7.50 -6.04 29.76
C SER B 119 7.71 -7.41 30.38
N THR B 120 8.74 -8.11 29.96
CA THR B 120 9.04 -9.44 30.48
C THR B 120 9.39 -9.42 31.99
N MET B 121 10.22 -8.45 32.38
CA MET B 121 10.53 -8.26 33.80
C MET B 121 9.30 -7.89 34.61
N ALA B 122 8.51 -6.95 34.12
CA ALA B 122 7.29 -6.56 34.82
C ALA B 122 6.36 -7.76 34.94
N ALA B 123 6.24 -8.57 33.89
CA ALA B 123 5.34 -9.74 33.95
C ALA B 123 5.75 -10.73 35.06
N ILE B 124 7.06 -10.93 35.25
CA ILE B 124 7.52 -11.82 36.30
C ILE B 124 7.14 -11.27 37.68
N VAL B 125 7.35 -9.97 37.87
CA VAL B 125 7.01 -9.27 39.13
C VAL B 125 5.49 -9.29 39.44
N VAL B 126 4.68 -9.00 38.43
CA VAL B 126 3.24 -9.08 38.54
C VAL B 126 2.77 -10.47 38.94
N ALA B 127 3.26 -11.50 38.26
CA ALA B 127 2.87 -12.87 38.61
C ALA B 127 3.26 -13.15 40.07
N ALA B 128 4.43 -12.63 40.47
CA ALA B 128 4.94 -12.85 41.83
C ALA B 128 4.12 -12.09 42.87
N ALA B 129 3.47 -10.99 42.44
CA ALA B 129 2.57 -10.30 43.32
C ALA B 129 1.21 -11.04 43.44
N GLY B 130 1.08 -12.21 42.82
CA GLY B 130 -0.14 -13.01 42.95
C GLY B 130 -1.19 -12.74 41.88
N VAL B 131 -0.82 -12.06 40.80
CA VAL B 131 -1.76 -11.85 39.68
C VAL B 131 -1.39 -12.85 38.58
N PRO B 132 -2.35 -13.69 38.13
CA PRO B 132 -2.03 -14.62 37.06
C PRO B 132 -1.68 -13.86 35.79
N VAL B 133 -0.59 -14.27 35.15
CA VAL B 133 -0.11 -13.61 33.94
C VAL B 133 -0.03 -14.63 32.85
N VAL B 134 -0.71 -14.35 31.74
CA VAL B 134 -0.49 -15.17 30.57
C VAL B 134 0.06 -14.29 29.46
N LYS B 135 1.35 -14.49 29.20
CA LYS B 135 2.06 -13.62 28.31
C LYS B 135 2.04 -14.11 26.88
N HIS B 136 1.72 -13.19 25.99
CA HIS B 136 1.82 -13.43 24.57
C HIS B 136 3.09 -12.70 24.28
N GLY B 137 3.79 -13.19 23.28
CA GLY B 137 5.03 -12.59 22.89
C GLY B 137 5.66 -13.38 21.78
N ASN B 138 6.90 -13.03 21.48
CA ASN B 138 7.58 -13.48 20.30
C ASN B 138 9.02 -13.01 20.39
N ARG B 139 9.88 -13.53 19.53
CA ARG B 139 11.25 -13.02 19.39
C ARG B 139 11.37 -11.54 18.93
N ALA B 140 12.61 -11.05 18.89
CA ALA B 140 12.87 -9.69 18.44
C ALA B 140 12.56 -9.57 16.95
N ALA B 141 12.01 -8.41 16.57
CA ALA B 141 11.85 -8.03 15.18
C ALA B 141 12.95 -7.03 14.76
N SER B 142 13.12 -5.95 15.51
CA SER B 142 14.20 -4.97 15.24
C SER B 142 15.24 -4.78 16.38
N SER B 143 14.85 -5.03 17.63
CA SER B 143 15.78 -4.97 18.76
C SER B 143 16.73 -6.19 18.78
N LEU B 144 17.81 -6.14 19.56
CA LEU B 144 18.72 -7.29 19.61
C LEU B 144 18.10 -8.51 20.34
N SER B 145 17.37 -8.27 21.42
CA SER B 145 16.77 -9.36 22.18
C SER B 145 15.31 -9.09 22.58
N GLY B 146 14.39 -9.89 22.06
CA GLY B 146 12.98 -9.75 22.43
C GLY B 146 12.67 -10.54 23.69
N GLY B 147 11.46 -10.35 24.22
CA GLY B 147 11.05 -11.08 25.44
C GLY B 147 11.35 -12.56 25.37
N ALA B 148 10.91 -13.19 24.28
CA ALA B 148 11.08 -14.63 24.10
C ALA B 148 12.54 -15.07 24.11
N ASP B 149 13.40 -14.32 23.44
CA ASP B 149 14.83 -14.67 23.38
C ASP B 149 15.45 -14.58 24.77
N THR B 150 15.09 -13.54 25.51
CA THR B 150 15.65 -13.34 26.85
C THR B 150 15.16 -14.44 27.79
N LEU B 151 13.90 -14.80 27.64
CA LEU B 151 13.33 -15.89 28.45
C LEU B 151 14.08 -17.20 28.19
N GLU B 152 14.31 -17.51 26.91
CA GLU B 152 15.15 -18.65 26.57
C GLU B 152 16.53 -18.65 27.22
N ALA B 153 17.22 -17.52 27.14
CA ALA B 153 18.53 -17.35 27.79
C ALA B 153 18.48 -17.57 29.30
N LEU B 154 17.33 -17.31 29.92
CA LEU B 154 17.18 -17.53 31.37
C LEU B 154 16.88 -18.99 31.67
N GLY B 155 16.66 -19.80 30.64
CA GLY B 155 16.35 -21.23 30.85
C GLY B 155 14.87 -21.58 30.82
N VAL B 156 14.01 -20.60 30.52
CA VAL B 156 12.55 -20.79 30.44
C VAL B 156 12.18 -21.43 29.08
N ARG B 157 11.33 -22.46 29.08
CA ARG B 157 10.92 -23.15 27.85
C ARG B 157 9.79 -22.36 27.23
N ILE B 158 10.05 -21.73 26.09
CA ILE B 158 9.07 -20.82 25.50
C ILE B 158 8.15 -21.49 24.48
N ASP B 159 8.51 -22.65 23.95
CA ASP B 159 7.72 -23.29 22.90
C ASP B 159 6.86 -24.44 23.42
N LEU B 160 5.89 -24.12 24.27
CA LEU B 160 4.98 -25.12 24.83
C LEU B 160 3.59 -25.03 24.18
N GLY B 161 2.97 -26.16 23.96
CA GLY B 161 1.57 -26.17 23.48
C GLY B 161 0.55 -25.71 24.53
N PRO B 162 -0.74 -25.64 24.15
CA PRO B 162 -1.84 -25.17 25.01
C PRO B 162 -1.92 -25.88 26.36
N ASP B 163 -1.77 -27.20 26.39
CA ASP B 163 -1.96 -27.98 27.64
C ASP B 163 -0.89 -27.59 28.65
N LEU B 164 0.34 -27.44 28.18
CA LEU B 164 1.48 -27.10 29.05
C LEU B 164 1.50 -25.64 29.49
N VAL B 165 1.08 -24.70 28.63
CA VAL B 165 0.90 -23.33 29.08
C VAL B 165 -0.14 -23.28 30.20
N ALA B 166 -1.26 -23.98 30.00
CA ALA B 166 -2.29 -24.06 31.02
C ALA B 166 -1.73 -24.61 32.34
N ARG B 167 -0.94 -25.68 32.28
CA ARG B 167 -0.32 -26.26 33.48
C ARG B 167 0.65 -25.28 34.13
N SER B 168 1.44 -24.60 33.31
CA SER B 168 2.36 -23.57 33.80
C SER B 168 1.61 -22.49 34.56
N LEU B 169 0.56 -21.95 33.93
CA LEU B 169 -0.26 -20.94 34.60
C LEU B 169 -0.78 -21.45 35.97
N ALA B 170 -1.23 -22.69 36.03
CA ALA B 170 -1.77 -23.27 37.28
C ALA B 170 -0.68 -23.56 38.32
N GLU B 171 0.47 -24.05 37.89
CA GLU B 171 1.48 -24.49 38.84
C GLU B 171 2.49 -23.42 39.19
N VAL B 172 2.76 -22.51 38.27
CA VAL B 172 3.75 -21.43 38.48
C VAL B 172 3.12 -20.06 38.74
N GLY B 173 1.96 -19.81 38.15
CA GLY B 173 1.35 -18.48 38.18
C GLY B 173 1.62 -17.65 36.94
N ILE B 174 2.32 -18.20 35.97
CA ILE B 174 2.60 -17.48 34.72
C ILE B 174 2.69 -18.50 33.59
N GLY B 175 2.35 -18.09 32.37
CA GLY B 175 2.59 -18.91 31.21
C GLY B 175 2.91 -18.03 30.02
N PHE B 176 3.51 -18.62 29.00
CA PHE B 176 3.93 -17.84 27.85
C PHE B 176 3.45 -18.50 26.58
N CYS B 177 2.63 -17.78 25.81
CA CYS B 177 2.16 -18.28 24.51
C CYS B 177 3.07 -17.77 23.41
N PHE B 178 3.87 -18.66 22.84
CA PHE B 178 4.77 -18.31 21.76
C PHE B 178 3.97 -18.16 20.45
N ALA B 179 3.88 -16.94 19.96
CA ALA B 179 3.03 -16.62 18.82
C ALA B 179 3.07 -17.59 17.66
N PRO B 180 4.28 -17.96 17.15
CA PRO B 180 4.27 -18.90 16.02
C PRO B 180 3.61 -20.26 16.32
N ARG B 181 3.64 -20.68 17.58
CA ARG B 181 3.05 -21.95 17.99
C ARG B 181 1.52 -21.84 18.03
N PHE B 182 1.02 -20.68 18.42
CA PHE B 182 -0.43 -20.49 18.60
C PHE B 182 -1.17 -19.98 17.36
N HIS B 183 -0.44 -19.34 16.47
CA HIS B 183 -0.97 -18.71 15.25
C HIS B 183 -0.34 -19.25 13.97
N PRO B 184 -0.35 -20.59 13.77
CA PRO B 184 0.29 -21.12 12.56
C PRO B 184 -0.23 -20.55 11.23
N SER B 185 -1.52 -20.23 11.18
CA SER B 185 -2.15 -19.69 9.97
C SER B 185 -1.77 -18.27 9.62
N TYR B 186 -1.10 -17.59 10.53
CA TYR B 186 -0.59 -16.24 10.29
C TYR B 186 0.73 -16.19 9.53
N ARG B 187 1.30 -17.34 9.22
CA ARG B 187 2.64 -17.40 8.62
C ARG B 187 2.77 -16.63 7.29
N HIS B 188 1.71 -16.58 6.49
CA HIS B 188 1.68 -15.87 5.21
C HIS B 188 1.83 -14.38 5.44
N ALA B 189 1.11 -13.84 6.42
CA ALA B 189 1.18 -12.46 6.75
C ALA B 189 2.55 -12.08 7.39
N ALA B 190 3.05 -12.94 8.28
CA ALA B 190 4.34 -12.71 8.94
C ALA B 190 5.48 -12.67 7.92
N ALA B 191 5.43 -13.56 6.92
CA ALA B 191 6.45 -13.51 5.85
C ALA B 191 6.42 -12.17 5.10
N VAL B 192 5.22 -11.71 4.73
CA VAL B 192 5.05 -10.41 4.09
C VAL B 192 5.53 -9.23 4.98
N ARG B 193 5.18 -9.26 6.28
CA ARG B 193 5.65 -8.26 7.24
C ARG B 193 7.18 -8.11 7.15
N ARG B 194 7.86 -9.25 7.04
CA ARG B 194 9.32 -9.31 7.05
C ARG B 194 9.88 -8.75 5.75
N GLU B 195 9.28 -9.18 4.65
CA GLU B 195 9.68 -8.77 3.32
C GLU B 195 9.60 -7.26 3.11
N ILE B 196 8.57 -6.61 3.63
CA ILE B 196 8.41 -5.17 3.41
C ILE B 196 9.07 -4.29 4.47
N GLY B 197 9.23 -4.84 5.67
CA GLY B 197 10.00 -4.16 6.72
C GLY B 197 9.28 -3.01 7.40
N VAL B 198 8.62 -2.16 6.64
CA VAL B 198 7.90 -1.01 7.19
C VAL B 198 6.78 -1.48 8.14
N PRO B 199 6.62 -0.82 9.33
CA PRO B 199 5.47 -1.08 10.26
C PRO B 199 4.12 -0.79 9.59
N THR B 200 3.15 -1.65 9.84
CA THR B 200 1.81 -1.47 9.34
C THR B 200 0.82 -1.72 10.47
N VAL B 201 -0.46 -1.62 10.14
CA VAL B 201 -1.55 -2.00 11.02
C VAL B 201 -1.31 -3.43 11.58
N PHE B 202 -0.70 -4.33 10.82
CA PHE B 202 -0.41 -5.65 11.33
C PHE B 202 0.45 -5.65 12.61
N ASN B 203 1.31 -4.65 12.77
CA ASN B 203 2.13 -4.53 13.97
C ASN B 203 1.26 -4.42 15.22
N LEU B 204 -0.01 -4.01 15.05
CA LEU B 204 -0.95 -3.93 16.17
C LEU B 204 -1.51 -5.29 16.65
N LEU B 205 -1.39 -6.32 15.84
CA LEU B 205 -2.21 -7.52 16.06
C LEU B 205 -1.73 -8.43 17.22
N GLY B 206 -0.42 -8.44 17.48
CA GLY B 206 0.15 -9.27 18.55
C GLY B 206 -0.57 -9.07 19.87
N PRO B 207 -0.53 -7.85 20.40
CA PRO B 207 -1.18 -7.52 21.67
C PRO B 207 -2.69 -7.79 21.68
N LEU B 208 -3.33 -7.71 20.50
CA LEU B 208 -4.78 -7.94 20.38
C LEU B 208 -5.19 -9.38 20.15
N THR B 209 -4.23 -10.29 20.01
CA THR B 209 -4.57 -11.68 19.67
C THR B 209 -3.92 -12.70 20.62
N ASN B 210 -3.72 -12.31 21.88
CA ASN B 210 -3.27 -13.25 22.91
C ASN B 210 -4.26 -14.43 22.95
N PRO B 211 -3.78 -15.65 22.69
CA PRO B 211 -4.71 -16.76 22.51
C PRO B 211 -5.40 -17.19 23.79
N ALA B 212 -4.88 -16.75 24.96
CA ALA B 212 -5.50 -17.09 26.25
C ALA B 212 -6.62 -16.11 26.57
N ARG B 213 -6.73 -15.06 25.75
CA ARG B 213 -7.75 -14.00 25.89
C ARG B 213 -7.85 -13.41 27.31
N PRO B 214 -6.71 -13.07 27.94
CA PRO B 214 -6.83 -12.44 29.26
C PRO B 214 -7.67 -11.18 29.14
N ARG B 215 -8.42 -10.87 30.18
CA ARG B 215 -9.33 -9.73 30.13
C ARG B 215 -8.72 -8.42 30.63
N ALA B 216 -7.49 -8.48 31.14
CA ALA B 216 -6.81 -7.27 31.57
C ALA B 216 -5.41 -7.22 30.95
N GLY B 217 -4.85 -6.02 30.88
CA GLY B 217 -3.50 -5.88 30.38
C GLY B 217 -2.87 -4.51 30.54
N LEU B 218 -1.55 -4.48 30.54
CA LEU B 218 -0.79 -3.26 30.32
C LEU B 218 -0.20 -3.45 28.94
N ILE B 219 -0.65 -2.62 28.00
CA ILE B 219 -0.35 -2.84 26.57
C ILE B 219 0.40 -1.65 26.00
N GLY B 220 1.64 -1.87 25.57
CA GLY B 220 2.50 -0.78 25.09
C GLY B 220 2.30 -0.59 23.60
N CYS B 221 2.30 0.66 23.13
CA CYS B 221 2.18 0.92 21.69
C CYS B 221 3.27 1.91 21.25
N ALA B 222 4.12 1.46 20.32
CA ALA B 222 5.24 2.28 19.83
C ALA B 222 4.78 3.42 18.91
N PHE B 223 3.53 3.36 18.44
CA PHE B 223 3.03 4.31 17.44
C PHE B 223 1.93 5.14 18.06
N ALA B 224 2.26 6.39 18.37
CA ALA B 224 1.40 7.30 19.12
C ALA B 224 -0.01 7.43 18.57
N ASP B 225 -0.12 7.50 17.24
CA ASP B 225 -1.42 7.77 16.65
C ASP B 225 -2.34 6.53 16.74
N LEU B 226 -1.73 5.35 16.79
CA LEU B 226 -2.44 4.08 16.78
C LEU B 226 -2.85 3.54 18.15
N ALA B 227 -2.32 4.16 19.20
CA ALA B 227 -2.61 3.70 20.54
C ALA B 227 -4.11 3.81 20.85
N GLU B 228 -4.73 4.91 20.39
CA GLU B 228 -6.18 5.11 20.57
C GLU B 228 -7.01 4.03 19.89
N VAL B 229 -6.58 3.58 18.71
CA VAL B 229 -7.24 2.50 17.98
C VAL B 229 -7.17 1.17 18.79
N MET B 230 -5.98 0.84 19.30
CA MET B 230 -5.80 -0.37 20.15
C MET B 230 -6.75 -0.28 21.33
N ALA B 231 -6.79 0.88 21.96
CA ALA B 231 -7.66 1.13 23.10
C ALA B 231 -9.12 0.88 22.76
N GLY B 232 -9.57 1.38 21.60
CA GLY B 232 -10.96 1.09 21.15
C GLY B 232 -11.29 -0.39 20.95
N VAL B 233 -10.35 -1.18 20.45
CA VAL B 233 -10.58 -2.62 20.28
C VAL B 233 -10.76 -3.25 21.66
N PHE B 234 -9.84 -2.95 22.59
CA PHE B 234 -10.03 -3.41 24.00
C PHE B 234 -11.35 -2.95 24.62
N ALA B 235 -11.76 -1.70 24.32
CA ALA B 235 -13.03 -1.19 24.84
C ALA B 235 -14.22 -2.00 24.33
N ALA B 236 -14.22 -2.33 23.03
CA ALA B 236 -15.31 -3.15 22.44
C ALA B 236 -15.42 -4.54 23.12
N ARG B 237 -14.30 -5.02 23.66
CA ARG B 237 -14.26 -6.30 24.37
C ARG B 237 -14.59 -6.21 25.85
N ARG B 238 -14.74 -4.99 26.35
CA ARG B 238 -14.92 -4.71 27.80
C ARG B 238 -13.78 -5.24 28.65
N SER B 239 -12.57 -5.02 28.15
CA SER B 239 -11.33 -5.34 28.87
C SER B 239 -10.93 -4.22 29.78
N SER B 240 -10.21 -4.56 30.83
CA SER B 240 -9.63 -3.57 31.70
C SER B 240 -8.17 -3.41 31.31
N VAL B 241 -7.85 -2.38 30.53
CA VAL B 241 -6.53 -2.23 29.95
C VAL B 241 -6.01 -0.80 30.11
N LEU B 242 -4.70 -0.67 30.27
CA LEU B 242 -4.02 0.61 30.08
C LEU B 242 -3.20 0.48 28.83
N VAL B 243 -3.51 1.27 27.80
CA VAL B 243 -2.66 1.30 26.61
C VAL B 243 -1.71 2.49 26.80
N VAL B 244 -0.40 2.22 26.69
CA VAL B 244 0.56 3.24 27.08
C VAL B 244 1.57 3.56 26.00
N HIS B 245 1.99 4.82 25.98
CA HIS B 245 3.03 5.28 25.07
C HIS B 245 3.84 6.33 25.82
N GLY B 246 5.11 6.01 26.06
CA GLY B 246 6.02 6.98 26.69
C GLY B 246 6.20 8.17 25.75
N ASP B 247 6.22 9.37 26.31
CA ASP B 247 6.36 10.57 25.47
C ASP B 247 7.78 10.69 24.86
N ASP B 248 8.69 9.77 25.24
CA ASP B 248 10.00 9.59 24.61
C ASP B 248 9.98 8.52 23.50
N GLY B 249 8.80 8.00 23.21
CA GLY B 249 8.62 7.01 22.15
C GLY B 249 8.64 5.54 22.58
N LEU B 250 8.86 5.24 23.86
CA LEU B 250 8.82 3.84 24.34
C LEU B 250 7.42 3.22 24.29
N ASP B 251 7.35 1.94 23.95
CA ASP B 251 6.11 1.15 24.06
C ASP B 251 6.00 0.55 25.49
N GLU B 252 6.34 1.37 26.48
CA GLU B 252 6.31 0.97 27.90
C GLU B 252 5.98 2.24 28.66
N LEU B 253 5.68 2.13 29.94
CA LEU B 253 5.67 3.32 30.78
C LEU B 253 7.09 3.69 31.03
N THR B 254 7.41 4.95 30.77
CA THR B 254 8.79 5.38 30.81
C THR B 254 9.12 6.08 32.13
N THR B 255 10.40 6.09 32.47
CA THR B 255 10.88 6.87 33.62
C THR B 255 11.65 8.12 33.15
N THR B 256 11.93 8.22 31.84
CA THR B 256 12.69 9.35 31.29
C THR B 256 11.85 10.60 31.07
N THR B 257 10.53 10.42 30.95
CA THR B 257 9.60 11.54 30.83
C THR B 257 8.18 11.05 31.12
N THR B 258 7.19 11.91 30.86
CA THR B 258 5.78 11.55 30.98
C THR B 258 5.37 10.50 29.95
N SER B 259 4.22 9.89 30.17
CA SER B 259 3.61 8.93 29.24
C SER B 259 2.16 9.31 28.98
N THR B 260 1.63 8.92 27.83
CA THR B 260 0.21 8.97 27.57
C THR B 260 -0.40 7.58 27.82
N ILE B 261 -1.53 7.57 28.53
CA ILE B 261 -2.22 6.36 28.88
C ILE B 261 -3.65 6.53 28.41
N TRP B 262 -4.09 5.58 27.60
CA TRP B 262 -5.50 5.47 27.30
C TRP B 262 -6.04 4.39 28.22
N ARG B 263 -6.80 4.81 29.23
CA ARG B 263 -7.38 3.90 30.20
C ARG B 263 -8.70 3.28 29.67
N VAL B 264 -8.75 1.96 29.59
CA VAL B 264 -9.97 1.31 29.13
C VAL B 264 -10.67 0.67 30.32
N ALA B 265 -11.88 1.16 30.60
CA ALA B 265 -12.73 0.65 31.68
C ALA B 265 -14.20 0.82 31.30
N ALA B 266 -15.03 -0.16 31.62
CA ALA B 266 -16.48 -0.09 31.38
C ALA B 266 -16.83 0.22 29.91
N GLY B 267 -16.10 -0.41 28.99
CA GLY B 267 -16.29 -0.22 27.54
C GLY B 267 -16.04 1.19 27.02
N SER B 268 -15.36 2.02 27.80
CA SER B 268 -15.01 3.40 27.37
C SER B 268 -13.52 3.72 27.57
N VAL B 269 -13.03 4.60 26.70
CA VAL B 269 -11.63 5.02 26.64
C VAL B 269 -11.48 6.49 27.05
N ASP B 270 -10.50 6.78 27.90
CA ASP B 270 -10.12 8.19 28.13
C ASP B 270 -8.60 8.41 28.22
N LYS B 271 -8.15 9.49 27.57
CA LYS B 271 -6.74 9.82 27.46
C LYS B 271 -6.27 10.56 28.72
N LEU B 272 -5.07 10.20 29.19
CA LEU B 272 -4.42 10.84 30.36
C LEU B 272 -2.93 11.03 30.08
N THR B 273 -2.35 12.08 30.68
CA THR B 273 -0.90 12.21 30.75
C THR B 273 -0.48 11.70 32.11
N PHE B 274 0.54 10.87 32.15
CA PHE B 274 0.99 10.26 33.38
C PHE B 274 2.39 10.75 33.66
N ASP B 275 2.64 11.22 34.88
CA ASP B 275 3.97 11.65 35.29
C ASP B 275 4.44 10.86 36.51
N PRO B 276 5.48 10.01 36.34
CA PRO B 276 6.00 9.20 37.45
C PRO B 276 6.62 10.03 38.59
N ALA B 277 7.09 11.24 38.28
CA ALA B 277 7.63 12.16 39.28
C ALA B 277 6.66 12.33 40.43
N GLY B 278 5.37 12.34 40.12
CA GLY B 278 4.32 12.39 41.15
C GLY B 278 4.32 11.25 42.16
N PHE B 279 5.08 10.18 41.90
CA PHE B 279 5.18 9.08 42.85
C PHE B 279 6.58 8.99 43.43
N GLY B 280 7.41 9.98 43.12
CA GLY B 280 8.73 10.07 43.68
C GLY B 280 9.83 9.49 42.83
N PHE B 281 9.52 9.14 41.58
CA PHE B 281 10.52 8.63 40.62
C PHE B 281 11.37 9.75 40.06
N ALA B 282 12.70 9.63 40.14
CA ALA B 282 13.58 10.58 39.45
C ALA B 282 13.56 10.34 37.95
N ARG B 283 13.95 11.36 37.18
CA ARG B 283 13.98 11.28 35.74
C ARG B 283 15.19 10.47 35.35
N ALA B 284 15.00 9.37 34.63
CA ALA B 284 16.16 8.64 34.15
C ALA B 284 16.54 9.12 32.75
N GLN B 285 17.69 8.68 32.25
CA GLN B 285 18.07 8.91 30.86
C GLN B 285 17.82 7.61 30.11
N LEU B 286 17.43 7.73 28.85
CA LEU B 286 17.19 6.58 27.97
C LEU B 286 18.32 5.55 27.95
N ASP B 287 19.58 5.99 27.96
CA ASP B 287 20.71 5.03 27.90
C ASP B 287 20.94 4.21 29.19
N GLN B 288 20.36 4.67 30.30
CA GLN B 288 20.35 3.91 31.55
C GLN B 288 19.49 2.63 31.41
N LEU B 289 18.60 2.61 30.40
CA LEU B 289 17.70 1.47 30.17
C LEU B 289 18.16 0.59 28.99
N ALA B 290 19.35 0.90 28.45
CA ALA B 290 19.90 0.21 27.27
C ALA B 290 20.08 -1.27 27.52
N GLY B 291 19.73 -2.08 26.52
CA GLY B 291 19.95 -3.52 26.59
C GLY B 291 21.05 -3.97 25.62
N GLY B 292 21.26 -5.29 25.55
CA GLY B 292 22.17 -5.90 24.58
C GLY B 292 21.61 -7.20 24.06
N ASP B 293 22.49 -8.18 23.86
CA ASP B 293 22.05 -9.48 23.39
C ASP B 293 21.26 -10.25 24.47
N ALA B 294 20.77 -11.44 24.12
CA ALA B 294 19.97 -12.25 25.04
C ALA B 294 20.66 -12.44 26.39
N GLN B 295 21.97 -12.72 26.37
CA GLN B 295 22.71 -13.01 27.59
C GLN B 295 22.80 -11.80 28.49
N ALA B 296 22.99 -10.63 27.88
CA ALA B 296 23.12 -9.38 28.61
C ALA B 296 21.78 -9.04 29.26
N ASN B 297 20.73 -9.28 28.49
CA ASN B 297 19.41 -8.98 28.96
C ASN B 297 18.98 -9.98 30.03
N ALA B 298 19.45 -11.22 29.95
CA ALA B 298 19.20 -12.20 31.00
C ALA B 298 19.87 -11.75 32.31
N ALA B 299 21.12 -11.29 32.25
CA ALA B 299 21.81 -10.76 33.44
C ALA B 299 21.05 -9.58 34.08
N ALA B 300 20.48 -8.71 33.23
CA ALA B 300 19.70 -7.57 33.69
C ALA B 300 18.45 -8.04 34.44
N VAL B 301 17.80 -9.09 33.93
CA VAL B 301 16.62 -9.65 34.61
C VAL B 301 17.07 -10.15 35.99
N ARG B 302 18.15 -10.94 36.00
CA ARG B 302 18.63 -11.51 37.27
C ARG B 302 19.00 -10.43 38.31
N ALA B 303 19.59 -9.34 37.82
CA ALA B 303 20.02 -8.21 38.70
C ALA B 303 18.80 -7.58 39.35
N VAL B 304 17.77 -7.36 38.55
CA VAL B 304 16.57 -6.70 39.11
C VAL B 304 15.85 -7.63 40.11
N LEU B 305 15.71 -8.92 39.78
CA LEU B 305 15.01 -9.83 40.68
C LEU B 305 15.80 -10.07 41.96
N GLY B 306 17.12 -9.89 41.88
CA GLY B 306 18.00 -9.97 43.06
C GLY B 306 17.94 -8.78 43.99
N GLY B 307 17.15 -7.78 43.61
CA GLY B 307 16.89 -6.61 44.43
C GLY B 307 17.78 -5.39 44.17
N ALA B 308 18.56 -5.40 43.09
CA ALA B 308 19.40 -4.25 42.74
C ALA B 308 18.59 -2.99 42.49
N ARG B 309 19.07 -1.88 43.07
CA ARG B 309 18.42 -0.58 42.90
C ARG B 309 18.91 0.06 41.62
N GLY B 310 18.17 1.07 41.17
CA GLY B 310 18.58 1.82 39.99
C GLY B 310 17.45 2.02 39.01
N PRO B 311 17.75 2.66 37.87
CA PRO B 311 16.74 2.98 36.85
C PRO B 311 16.01 1.78 36.23
N VAL B 312 16.66 0.64 36.13
CA VAL B 312 16.02 -0.54 35.52
C VAL B 312 14.92 -1.07 36.45
N ARG B 313 15.24 -1.26 37.73
CA ARG B 313 14.23 -1.62 38.74
C ARG B 313 13.07 -0.63 38.74
N ASP B 314 13.38 0.67 38.77
CA ASP B 314 12.35 1.71 38.76
C ASP B 314 11.33 1.53 37.61
N ALA B 315 11.84 1.36 36.40
CA ALA B 315 11.00 1.14 35.22
C ALA B 315 10.18 -0.17 35.32
N VAL B 316 10.81 -1.24 35.78
CA VAL B 316 10.11 -2.52 35.96
C VAL B 316 8.97 -2.35 36.96
N VAL B 317 9.24 -1.63 38.05
CA VAL B 317 8.30 -1.48 39.13
C VAL B 317 7.10 -0.66 38.67
N LEU B 318 7.41 0.42 37.95
CA LEU B 318 6.40 1.26 37.33
C LEU B 318 5.46 0.48 36.38
N ASN B 319 6.03 -0.34 35.51
CA ASN B 319 5.22 -1.11 34.56
C ASN B 319 4.44 -2.23 35.24
N ALA B 320 5.09 -2.90 36.20
CA ALA B 320 4.40 -3.91 37.01
C ALA B 320 3.18 -3.27 37.73
N ALA B 321 3.38 -2.09 38.33
CA ALA B 321 2.28 -1.36 38.95
C ALA B 321 1.12 -1.09 37.97
N GLY B 322 1.45 -0.62 36.77
CA GLY B 322 0.43 -0.41 35.70
C GLY B 322 -0.42 -1.63 35.40
N ALA B 323 0.21 -2.79 35.29
CA ALA B 323 -0.54 -4.04 35.06
C ALA B 323 -1.40 -4.37 36.26
N ILE B 324 -0.88 -4.12 37.46
CA ILE B 324 -1.66 -4.40 38.67
C ILE B 324 -2.87 -3.48 38.76
N VAL B 325 -2.70 -2.24 38.37
CA VAL B 325 -3.83 -1.29 38.27
C VAL B 325 -4.90 -1.79 37.27
N ALA B 326 -4.43 -2.25 36.10
CA ALA B 326 -5.35 -2.79 35.08
C ALA B 326 -6.12 -3.97 35.64
N HIS B 327 -5.40 -4.89 36.29
CA HIS B 327 -6.02 -6.05 36.94
C HIS B 327 -7.10 -5.62 37.96
N ALA B 328 -6.80 -4.59 38.74
CA ALA B 328 -7.75 -4.11 39.76
C ALA B 328 -9.03 -3.56 39.10
N GLY B 329 -8.87 -2.95 37.93
CA GLY B 329 -10.01 -2.44 37.19
C GLY B 329 -11.02 -3.49 36.74
N LEU B 330 -10.68 -4.77 36.87
CA LEU B 330 -11.63 -5.84 36.55
C LEU B 330 -12.77 -5.90 37.57
N SER B 331 -12.44 -5.67 38.84
CA SER B 331 -13.43 -5.75 39.91
C SER B 331 -13.43 -4.49 40.77
N SER B 332 -13.36 -3.33 40.11
CA SER B 332 -13.17 -2.07 40.81
C SER B 332 -14.42 -1.62 41.56
N ALA B 334 -12.22 1.76 41.71
CA ALA B 334 -11.23 2.19 42.71
C ALA B 334 -10.45 3.39 42.19
N GLU B 335 -10.14 4.34 43.08
CA GLU B 335 -9.51 5.59 42.63
C GLU B 335 -8.14 5.34 42.03
N TRP B 336 -7.87 6.11 41.00
CA TRP B 336 -6.66 6.06 40.23
C TRP B 336 -5.38 6.09 41.09
N LEU B 337 -5.22 7.15 41.87
CA LEU B 337 -3.97 7.37 42.59
C LEU B 337 -3.67 6.35 43.70
N PRO B 338 -4.69 5.97 44.50
CA PRO B 338 -4.40 4.92 45.46
C PRO B 338 -4.23 3.55 44.83
N ALA B 339 -4.87 3.29 43.67
CA ALA B 339 -4.63 2.05 42.94
C ALA B 339 -3.16 1.95 42.55
N TRP B 340 -2.62 3.06 42.04
CA TRP B 340 -1.23 3.13 41.68
C TRP B 340 -0.31 2.97 42.88
N GLU B 341 -0.65 3.62 44.00
CA GLU B 341 0.20 3.53 45.21
C GLU B 341 0.32 2.08 45.68
N GLU B 342 -0.83 1.39 45.75
CA GLU B 342 -0.89 -0.04 46.07
C GLU B 342 -0.17 -0.91 45.03
N GLY B 343 -0.33 -0.56 43.75
CA GLY B 343 0.39 -1.26 42.69
C GLY B 343 1.90 -1.17 42.83
N LEU B 344 2.39 0.03 43.06
CA LEU B 344 3.83 0.21 43.22
C LEU B 344 4.32 -0.54 44.46
N ARG B 345 3.53 -0.51 45.52
CA ARG B 345 3.92 -1.15 46.75
C ARG B 345 3.97 -2.68 46.58
N ARG B 346 2.92 -3.23 45.93
CA ARG B 346 2.86 -4.66 45.62
C ARG B 346 4.04 -5.10 44.73
N ALA B 347 4.35 -4.33 43.69
CA ALA B 347 5.50 -4.65 42.85
C ALA B 347 6.82 -4.65 43.63
N SER B 348 7.01 -3.64 44.47
CA SER B 348 8.26 -3.52 45.26
C SER B 348 8.43 -4.67 46.24
N ALA B 349 7.36 -5.01 46.96
CA ALA B 349 7.39 -6.15 47.89
C ALA B 349 7.64 -7.48 47.17
N ALA B 350 7.05 -7.67 45.98
CA ALA B 350 7.27 -8.91 45.25
C ALA B 350 8.75 -9.10 44.98
N ILE B 351 9.44 -8.02 44.66
CA ILE B 351 10.90 -8.13 44.51
C ILE B 351 11.59 -8.34 45.88
N ASP B 352 11.27 -7.47 46.85
CA ASP B 352 12.09 -7.40 48.08
C ASP B 352 11.88 -8.56 49.05
N THR B 353 10.75 -9.25 48.93
CA THR B 353 10.54 -10.49 49.69
C THR B 353 11.26 -11.67 49.08
N GLY B 354 11.81 -11.50 47.88
CA GLY B 354 12.42 -12.62 47.15
C GLY B 354 11.39 -13.32 46.25
N ALA B 355 10.10 -12.95 46.33
CA ALA B 355 9.03 -13.68 45.60
C ALA B 355 9.25 -13.69 44.06
N ALA B 356 9.70 -12.56 43.50
CA ALA B 356 9.93 -12.51 42.03
C ALA B 356 11.07 -13.41 41.57
N GLU B 357 12.17 -13.39 42.34
CA GLU B 357 13.32 -14.23 42.01
C GLU B 357 12.89 -15.68 42.19
N GLN B 358 12.13 -15.96 43.25
CA GLN B 358 11.62 -17.33 43.45
C GLN B 358 10.68 -17.80 42.32
N LEU B 359 9.83 -16.89 41.82
CA LEU B 359 8.88 -17.29 40.76
C LEU B 359 9.64 -17.66 39.48
N LEU B 360 10.64 -16.87 39.11
CA LEU B 360 11.40 -17.20 37.92
C LEU B 360 12.05 -18.59 38.08
N ALA B 361 12.63 -18.85 39.26
CA ALA B 361 13.18 -20.18 39.52
C ALA B 361 12.13 -21.29 39.40
N ARG B 362 10.94 -21.07 39.98
CA ARG B 362 9.84 -22.06 39.80
C ARG B 362 9.45 -22.29 38.33
N TRP B 363 9.42 -21.20 37.58
CA TRP B 363 9.07 -21.26 36.16
C TRP B 363 10.10 -22.06 35.37
N VAL B 364 11.37 -21.81 35.67
CA VAL B 364 12.47 -22.57 35.03
C VAL B 364 12.35 -24.05 35.44
N ARG B 365 12.09 -24.30 36.73
CA ARG B 365 11.92 -25.65 37.23
C ARG B 365 10.77 -26.41 36.56
N PHE B 366 9.64 -25.73 36.39
CA PHE B 366 8.52 -26.32 35.64
C PHE B 366 8.91 -26.82 34.24
N GLY B 367 9.59 -25.97 33.46
CA GLY B 367 9.99 -26.37 32.10
C GLY B 367 10.96 -27.54 32.11
N ARG B 368 11.87 -27.59 33.10
CA ARG B 368 12.80 -28.72 33.21
C ARG B 368 12.13 -30.04 33.58
N GLN B 369 10.97 -29.98 34.24
CA GLN B 369 10.18 -31.18 34.59
C GLN B 369 9.45 -31.88 33.43
N ILE B 370 9.42 -31.26 32.26
CA ILE B 370 8.63 -31.82 31.14
C ILE B 370 9.19 -33.11 30.48
MG MG C . -10.55 5.85 -23.32
MG MG D . -7.60 5.89 -25.20
OAC 6M1 E . -1.04 -1.46 -20.07
CAH 6M1 E . -1.33 -0.23 -20.01
OAD 6M1 E . -2.05 0.26 -19.12
CAK 6M1 E . -0.84 0.74 -21.13
CAI 6M1 E . 0.28 0.45 -21.94
CAA 6M1 E . 1.10 -0.80 -21.71
CAF 6M1 E . 0.68 1.34 -22.95
CAE 6M1 E . -0.03 2.53 -23.17
CAG 6M1 E . -1.15 2.82 -22.39
CAJ 6M1 E . -1.55 1.93 -21.38
NAB 6M1 E . -2.63 2.22 -20.64
C1 GOL F . -12.60 26.38 -28.16
O1 GOL F . -13.84 26.82 -27.72
C2 GOL F . -11.67 26.43 -26.95
O2 GOL F . -12.26 25.70 -25.91
C3 GOL F . -10.33 25.89 -27.40
O3 GOL F . -9.36 25.95 -26.38
C1 PRP G . -5.68 2.26 -23.25
C2 PRP G . -5.24 0.91 -22.70
C3 PRP G . -6.43 0.00 -23.09
C4 PRP G . -7.59 0.97 -23.29
C5 PRP G . -8.66 0.60 -22.25
O1 PRP G . -5.37 2.20 -24.64
O2 PRP G . -4.01 0.45 -23.32
O3 PRP G . -6.19 -0.67 -24.33
O4 PRP G . -7.10 2.30 -22.95
O5 PRP G . -8.00 0.39 -20.99
P PRP G . -8.89 -0.13 -19.73
O1P PRP G . -10.05 0.73 -19.41
O2P PRP G . -7.85 -0.22 -18.48
O3P PRP G . -9.29 -1.63 -20.10
PA PRP G . -5.81 3.22 -25.84
O1A PRP G . -4.78 3.00 -26.87
O2A PRP G . -6.01 4.70 -25.33
O3A PRP G . -7.18 2.55 -26.32
PB PRP G . -8.51 3.22 -26.88
O1B PRP G . -8.43 3.06 -28.47
O2B PRP G . -8.67 4.76 -26.45
O3B PRP G . -9.60 2.37 -26.30
OAC 6M1 H . 4.17 -9.08 -19.27
CAH 6M1 H . 3.10 -8.40 -19.30
OAD 6M1 H . 1.96 -8.90 -19.09
CAK 6M1 H . 3.23 -6.88 -19.67
CAI 6M1 H . 2.10 -6.03 -19.72
CAA 6M1 H . 0.66 -6.50 -19.44
CAF 6M1 H . 2.25 -4.68 -20.05
CAE 6M1 H . 3.51 -4.16 -20.33
CAG 6M1 H . 4.62 -4.99 -20.27
CAJ 6M1 H . 4.50 -6.35 -19.94
NAB 6M1 H . 5.62 -7.09 -19.90
C1 PRP I . 7.49 -7.06 22.08
C2 PRP I . 7.90 -7.94 20.91
C3 PRP I . 9.41 -8.11 21.18
C4 PRP I . 9.80 -6.79 21.88
C5 PRP I . 10.66 -5.91 20.98
O1 PRP I . 7.56 -7.94 23.19
O2 PRP I . 7.22 -9.22 20.93
O3 PRP I . 9.65 -9.22 22.06
O4 PRP I . 8.55 -6.07 22.13
O5 PRP I . 10.05 -5.73 19.69
P PRP I . 10.96 -5.29 18.45
O1P PRP I . 11.51 -3.81 18.82
O2P PRP I . 9.96 -5.08 17.19
O3P PRP I . 12.09 -6.23 18.17
PA PRP I . 7.41 -7.61 24.80
O1A PRP I . 6.71 -6.23 25.07
O2A PRP I . 6.63 -8.74 25.35
O3A PRP I . 8.92 -7.76 25.29
PB PRP I . 9.78 -6.80 26.21
O1B PRP I . 11.15 -6.81 25.39
O2B PRP I . 9.96 -7.68 27.56
O3B PRP I . 9.18 -5.47 26.50
OAC 6M1 J . 6.96 -16.05 11.89
CAH 6M1 J . 5.77 -16.51 11.98
OAD 6M1 J . 5.35 -17.46 11.27
CAK 6M1 J . 4.77 -15.87 12.98
CAI 6M1 J . 5.03 -14.68 13.69
CAA 6M1 J . 6.32 -13.89 13.54
CAF 6M1 J . 4.09 -14.15 14.59
CAE 6M1 J . 2.89 -14.82 14.78
CAG 6M1 J . 2.62 -16.00 14.10
CAJ 6M1 J . 3.54 -16.53 13.21
NAB 6M1 J . 3.25 -17.66 12.57
MG MG K . 7.42 -4.47 25.95
MG MG L . 9.66 -2.14 24.75
OAC 6M1 M . 4.75 -8.59 16.87
CAH 6M1 M . 4.67 -9.72 17.43
OAD 6M1 M . 5.20 -10.77 16.96
CAK 6M1 M . 3.88 -9.80 18.77
CAI 6M1 M . 3.18 -10.96 19.15
CAA 6M1 M . 3.13 -12.20 18.26
CAF 6M1 M . 2.49 -11.02 20.36
CAE 6M1 M . 2.47 -9.91 21.21
CAG 6M1 M . 3.15 -8.75 20.85
CAJ 6M1 M . 3.85 -8.69 19.65
NAB 6M1 M . 4.50 -7.56 19.35
#